data_9CEL
#
_entry.id   9CEL
#
_cell.length_a   63.340
_cell.length_b   95.666
_cell.length_c   83.118
_cell.angle_alpha   90.000
_cell.angle_beta   93.673
_cell.angle_gamma   90.000
#
_symmetry.space_group_name_H-M   'P 1 21 1'
#
loop_
_entity.id
_entity.type
_entity.pdbx_description
1 polymer 'Type I PKS module 7'
2 water water
#
_entity_poly.entity_id   1
_entity_poly.type   'polypeptide(L)'
_entity_poly.pdbx_seq_one_letter_code
;GSALVEMYRRAVATGRAAEAVEVLGTVATFRPVFRSPDELGEPPALVPLGTGAGGPTLVCCAGTAAASGPREFTAFAAAL
AGLRDVTVLPQTGFLTGEPLPAGLDVLLDAQADAVLAHCAGRPFVLVGHSAGANMAHALTVRLEARGADPAALVLMDIYT
PAAPGAMGVWREEMLAWVAERSVVPVDDTRLTAMGAYHRLLLDWAPRPTRAPVLHLYAGEPAGAWPDPRQDWRSRFDGAH
TSAEVPGTHFSMMTEHAPVTAATVHKWLDEV
;
_entity_poly.pdbx_strand_id   A,B,C,D
#
# COMPACT_ATOMS: atom_id res chain seq x y z
N GLY A 1 20.42 -13.46 -8.44
CA GLY A 1 18.98 -13.33 -8.25
C GLY A 1 18.09 -14.29 -9.04
N SER A 2 16.81 -13.93 -9.16
CA SER A 2 15.79 -14.80 -9.73
C SER A 2 16.04 -15.12 -11.21
N ALA A 3 15.49 -16.25 -11.65
CA ALA A 3 15.68 -16.68 -13.03
C ALA A 3 15.18 -15.65 -14.03
N LEU A 4 14.10 -14.96 -13.66
CA LEU A 4 13.62 -13.85 -14.46
C LEU A 4 14.61 -12.69 -14.45
N VAL A 5 15.33 -12.49 -13.35
CA VAL A 5 16.27 -11.37 -13.28
C VAL A 5 17.48 -11.69 -14.14
N GLU A 6 18.03 -12.91 -13.99
CA GLU A 6 19.14 -13.35 -14.83
C GLU A 6 18.77 -13.32 -16.31
N MET A 7 17.56 -13.77 -16.66
CA MET A 7 17.17 -13.74 -18.06
C MET A 7 17.18 -12.32 -18.60
N TYR A 8 16.64 -11.38 -17.84
CA TYR A 8 16.59 -10.00 -18.33
C TYR A 8 17.99 -9.42 -18.48
N ARG A 9 18.87 -9.66 -17.49
CA ARG A 9 20.24 -9.18 -17.56
C ARG A 9 20.94 -9.72 -18.80
N ARG A 10 20.82 -11.01 -19.04
CA ARG A 10 21.54 -11.62 -20.14
C ARG A 10 20.94 -11.24 -21.49
N ALA A 11 19.62 -10.99 -21.53
CA ALA A 11 18.97 -10.66 -22.78
C ALA A 11 19.30 -9.23 -23.23
N VAL A 12 19.53 -8.31 -22.30
CA VAL A 12 19.91 -6.96 -22.71
C VAL A 12 21.33 -6.97 -23.26
N ALA A 13 22.22 -7.75 -22.63
CA ALA A 13 23.61 -7.84 -23.06
C ALA A 13 23.78 -8.67 -24.33
N THR A 14 22.72 -9.31 -24.82
CA THR A 14 22.87 -10.19 -25.98
C THR A 14 21.83 -9.90 -27.08
N GLY A 15 21.31 -8.67 -27.14
CA GLY A 15 20.33 -8.31 -28.16
C GLY A 15 18.99 -9.02 -28.10
N ARG A 16 18.69 -9.76 -27.03
CA ARG A 16 17.46 -10.54 -26.94
C ARG A 16 16.38 -9.87 -26.09
N ALA A 17 16.42 -8.54 -25.97
CA ALA A 17 15.54 -7.85 -25.03
C ALA A 17 14.09 -7.95 -25.44
N ALA A 18 13.79 -7.73 -26.72
CA ALA A 18 12.43 -7.86 -27.21
C ALA A 18 11.89 -9.26 -26.94
N GLU A 19 12.75 -10.27 -27.07
CA GLU A 19 12.35 -11.61 -26.68
C GLU A 19 12.08 -11.71 -25.17
N ALA A 20 12.94 -11.10 -24.32
CA ALA A 20 12.74 -11.19 -22.89
C ALA A 20 11.45 -10.51 -22.45
N VAL A 21 11.10 -9.40 -23.10
CA VAL A 21 9.94 -8.65 -22.68
C VAL A 21 8.67 -9.44 -23.01
N GLU A 22 8.66 -10.12 -24.16
CA GLU A 22 7.50 -10.92 -24.53
C GLU A 22 7.28 -12.05 -23.54
N VAL A 23 8.37 -12.69 -23.09
CA VAL A 23 8.25 -13.75 -22.10
C VAL A 23 7.73 -13.18 -20.78
N LEU A 24 8.23 -12.00 -20.39
CA LEU A 24 7.74 -11.36 -19.17
C LEU A 24 6.25 -11.08 -19.25
N GLY A 25 5.77 -10.71 -20.44
CA GLY A 25 4.36 -10.42 -20.58
C GLY A 25 3.49 -11.65 -20.37
N THR A 26 3.95 -12.81 -20.85
CA THR A 26 3.16 -14.01 -20.61
C THR A 26 3.21 -14.41 -19.15
N VAL A 27 4.39 -14.29 -18.51
CA VAL A 27 4.45 -14.54 -17.07
C VAL A 27 3.46 -13.64 -16.36
N ALA A 28 3.36 -12.38 -16.81
CA ALA A 28 2.50 -11.41 -16.16
C ALA A 28 1.02 -11.76 -16.28
N THR A 29 0.62 -12.50 -17.31
CA THR A 29 -0.76 -12.96 -17.39
C THR A 29 -1.12 -13.97 -16.30
N PHE A 30 -0.21 -14.31 -15.41
CA PHE A 30 -0.52 -15.19 -14.29
C PHE A 30 -0.66 -14.44 -12.99
N ARG A 31 -0.51 -13.12 -13.03
CA ARG A 31 -0.50 -12.24 -11.89
C ARG A 31 -1.92 -11.81 -11.55
N PRO A 32 -2.22 -11.71 -10.26
CA PRO A 32 -3.45 -11.04 -9.84
C PRO A 32 -3.63 -9.70 -10.53
N VAL A 33 -4.84 -9.45 -11.03
CA VAL A 33 -5.17 -8.18 -11.67
C VAL A 33 -6.26 -7.49 -10.84
N PHE A 34 -6.59 -6.26 -11.23
CA PHE A 34 -7.79 -5.63 -10.72
C PHE A 34 -8.65 -5.23 -11.90
N ARG A 35 -9.95 -5.51 -11.76
CA ARG A 35 -10.90 -5.30 -12.85
C ARG A 35 -11.66 -3.99 -12.74
N SER A 36 -11.62 -3.34 -11.57
CA SER A 36 -12.27 -2.06 -11.36
C SER A 36 -11.42 -1.20 -10.44
N PRO A 37 -11.48 0.12 -10.60
CA PRO A 37 -10.82 1.00 -9.62
C PRO A 37 -11.12 0.66 -8.17
N ASP A 38 -12.33 0.20 -7.87
CA ASP A 38 -12.74 -0.05 -6.50
C ASP A 38 -12.01 -1.23 -5.87
N GLU A 39 -11.28 -2.02 -6.65
CA GLU A 39 -10.57 -3.17 -6.11
C GLU A 39 -9.18 -2.86 -5.55
N LEU A 40 -8.63 -1.67 -5.81
CA LEU A 40 -7.22 -1.46 -5.46
C LEU A 40 -7.01 -1.41 -3.96
N GLY A 41 -7.98 -0.89 -3.21
CA GLY A 41 -7.80 -0.78 -1.78
C GLY A 41 -7.60 0.67 -1.43
N GLU A 42 -6.66 1.30 -2.14
CA GLU A 42 -6.46 2.73 -2.07
C GLU A 42 -6.12 3.18 -3.48
N PRO A 43 -6.60 4.35 -3.90
CA PRO A 43 -6.29 4.86 -5.24
C PRO A 43 -4.79 4.96 -5.46
N PRO A 44 -4.34 4.96 -6.75
CA PRO A 44 -2.91 5.20 -7.04
C PRO A 44 -2.37 6.41 -6.29
N ALA A 45 -1.35 6.15 -5.48
CA ALA A 45 -0.76 7.19 -4.63
C ALA A 45 0.12 8.09 -5.49
N LEU A 46 -0.03 9.41 -5.32
CA LEU A 46 0.78 10.37 -6.06
C LEU A 46 1.96 10.79 -5.21
N VAL A 47 3.13 10.87 -5.86
CA VAL A 47 4.36 11.11 -5.12
C VAL A 47 4.90 12.51 -5.42
N PRO A 48 4.72 13.46 -4.50
CA PRO A 48 5.29 14.80 -4.70
C PRO A 48 6.81 14.78 -4.65
N LEU A 49 7.45 15.51 -5.55
CA LEU A 49 8.91 15.67 -5.52
C LEU A 49 9.33 17.12 -5.28
N GLY A 50 8.57 18.11 -5.75
CA GLY A 50 8.84 19.50 -5.48
C GLY A 50 7.58 20.30 -5.26
N THR A 51 7.46 20.93 -4.09
CA THR A 51 6.29 21.69 -3.71
C THR A 51 6.66 23.11 -3.30
N GLY A 52 5.66 23.98 -3.27
CA GLY A 52 5.80 25.32 -2.73
C GLY A 52 5.82 26.46 -3.73
N ALA A 53 5.41 26.22 -4.97
CA ALA A 53 5.54 27.21 -6.04
C ALA A 53 4.22 27.79 -6.51
N GLY A 54 3.09 27.23 -6.10
CA GLY A 54 1.81 27.68 -6.61
C GLY A 54 1.65 27.39 -8.10
N GLY A 55 0.47 27.73 -8.59
CA GLY A 55 0.11 27.42 -9.95
C GLY A 55 -0.22 25.95 -10.12
N PRO A 56 -0.47 25.54 -11.36
CA PRO A 56 -0.82 24.14 -11.61
C PRO A 56 0.30 23.19 -11.20
N THR A 57 -0.10 22.03 -10.71
CA THR A 57 0.85 20.98 -10.43
C THR A 57 1.12 20.20 -11.72
N LEU A 58 2.39 19.86 -11.94
CA LEU A 58 2.78 18.96 -13.03
C LEU A 58 2.66 17.53 -12.53
N VAL A 59 1.65 16.83 -13.01
CA VAL A 59 1.50 15.41 -12.73
C VAL A 59 2.36 14.65 -13.73
N CYS A 60 3.46 14.08 -13.24
CA CYS A 60 4.42 13.37 -14.07
C CYS A 60 4.13 11.87 -14.04
N CYS A 61 3.64 11.35 -15.17
CA CYS A 61 3.29 9.93 -15.30
C CYS A 61 4.56 9.09 -15.47
N ALA A 62 4.77 8.13 -14.57
CA ALA A 62 5.93 7.28 -14.70
C ALA A 62 5.87 6.48 -16.00
N GLY A 63 7.05 6.06 -16.46
CA GLY A 63 7.15 5.22 -17.64
C GLY A 63 6.87 3.76 -17.32
N THR A 64 7.08 2.92 -18.32
CA THR A 64 6.76 1.51 -18.21
C THR A 64 8.00 0.63 -18.24
N ALA A 65 9.18 1.20 -18.09
CA ALA A 65 10.39 0.39 -17.94
C ALA A 65 10.46 -0.12 -16.51
N ALA A 66 11.49 -0.93 -16.21
CA ALA A 66 11.53 -1.57 -14.89
C ALA A 66 11.96 -0.59 -13.81
N ALA A 67 13.11 0.05 -14.00
CA ALA A 67 13.55 1.11 -13.08
C ALA A 67 12.82 2.42 -13.36
N SER A 68 11.51 2.36 -13.54
CA SER A 68 10.67 3.54 -13.69
C SER A 68 10.02 3.90 -12.37
N GLY A 69 9.40 5.08 -12.32
CA GLY A 69 8.95 5.64 -11.07
C GLY A 69 9.55 7.02 -10.80
N PRO A 70 9.44 7.50 -9.55
CA PRO A 70 9.85 8.88 -9.25
C PRO A 70 11.27 9.23 -9.65
N ARG A 71 12.18 8.28 -9.72
CA ARG A 71 13.55 8.63 -10.11
C ARG A 71 13.60 9.28 -11.50
N GLU A 72 12.64 8.99 -12.38
CA GLU A 72 12.66 9.55 -13.73
C GLU A 72 12.60 11.07 -13.70
N PHE A 73 12.09 11.63 -12.61
CA PHE A 73 11.69 13.02 -12.52
C PHE A 73 12.46 13.76 -11.45
N THR A 74 13.41 13.09 -10.79
CA THR A 74 14.19 13.71 -9.71
C THR A 74 14.86 15.01 -10.15
N ALA A 75 15.59 14.98 -11.26
CA ALA A 75 16.32 16.18 -11.65
C ALA A 75 15.41 17.20 -12.31
N PHE A 76 14.41 16.73 -13.05
CA PHE A 76 13.39 17.62 -13.58
C PHE A 76 12.71 18.41 -12.48
N ALA A 77 12.42 17.75 -11.35
CA ALA A 77 11.75 18.46 -10.25
C ALA A 77 12.71 19.37 -9.50
N ALA A 78 13.93 18.91 -9.27
CA ALA A 78 14.91 19.74 -8.58
C ALA A 78 15.09 21.06 -9.30
N ALA A 79 15.24 21.00 -10.63
CA ALA A 79 15.35 22.19 -11.47
C ALA A 79 14.09 23.03 -11.46
N LEU A 80 12.95 22.46 -11.09
CA LEU A 80 11.72 23.22 -11.15
C LEU A 80 11.32 23.79 -9.80
N ALA A 81 12.10 23.53 -8.76
CA ALA A 81 11.86 24.08 -7.44
C ALA A 81 11.61 25.58 -7.51
N GLY A 82 10.57 26.05 -6.81
CA GLY A 82 10.25 27.45 -6.81
C GLY A 82 9.43 27.87 -8.01
N LEU A 83 9.68 27.26 -9.17
CA LEU A 83 9.00 27.65 -10.39
C LEU A 83 7.70 26.89 -10.60
N ARG A 84 7.73 25.56 -10.42
CA ARG A 84 6.59 24.70 -10.69
C ARG A 84 6.68 23.45 -9.82
N ASP A 85 5.51 22.96 -9.42
CA ASP A 85 5.43 21.83 -8.51
C ASP A 85 5.32 20.55 -9.31
N VAL A 86 6.09 19.54 -8.91
CA VAL A 86 6.14 18.26 -9.60
C VAL A 86 5.66 17.16 -8.65
N THR A 87 4.64 16.43 -9.09
CA THR A 87 4.16 15.22 -8.43
C THR A 87 4.19 14.08 -9.43
N VAL A 88 4.64 12.93 -8.98
CA VAL A 88 4.76 11.76 -9.82
C VAL A 88 3.55 10.84 -9.61
N LEU A 89 3.01 10.31 -10.71
CA LEU A 89 1.97 9.28 -10.74
C LEU A 89 2.59 7.93 -11.11
N PRO A 90 2.89 7.05 -10.15
CA PRO A 90 3.47 5.75 -10.51
C PRO A 90 2.52 4.86 -11.30
N GLN A 91 3.09 3.85 -11.92
CA GLN A 91 2.30 2.86 -12.63
C GLN A 91 1.99 1.71 -11.67
N THR A 92 0.71 1.46 -11.45
CA THR A 92 0.27 0.42 -10.52
C THR A 92 0.68 -0.96 -11.02
N GLY A 93 1.39 -1.70 -10.18
CA GLY A 93 1.80 -3.06 -10.49
C GLY A 93 3.31 -3.26 -10.49
N PHE A 94 4.09 -2.16 -10.48
CA PHE A 94 5.55 -2.23 -10.43
C PHE A 94 6.07 -2.49 -9.03
N LEU A 95 5.26 -2.23 -8.01
CA LEU A 95 5.70 -2.40 -6.64
C LEU A 95 5.07 -3.66 -6.03
N THR A 96 5.83 -4.30 -5.15
CA THR A 96 5.38 -5.55 -4.54
C THR A 96 4.05 -5.34 -3.81
N GLY A 97 3.17 -6.32 -3.94
CA GLY A 97 1.84 -6.22 -3.41
C GLY A 97 0.81 -5.70 -4.38
N GLU A 98 1.21 -4.84 -5.31
CA GLU A 98 0.29 -4.14 -6.19
C GLU A 98 -0.18 -5.07 -7.30
N PRO A 99 -1.45 -5.01 -7.67
CA PRO A 99 -1.95 -5.81 -8.78
C PRO A 99 -1.72 -5.10 -10.11
N LEU A 100 -1.76 -5.92 -11.21
CA LEU A 100 -1.68 -5.27 -12.52
C LEU A 100 -3.08 -4.89 -12.99
N PRO A 101 -3.20 -3.87 -13.83
CA PRO A 101 -4.51 -3.60 -14.45
C PRO A 101 -4.93 -4.75 -15.36
N ALA A 102 -6.22 -5.07 -15.34
CA ALA A 102 -6.70 -6.10 -16.25
C ALA A 102 -6.69 -5.59 -17.68
N GLY A 103 -6.90 -4.30 -17.86
CA GLY A 103 -6.67 -3.68 -19.15
C GLY A 103 -6.37 -2.21 -18.98
N LEU A 104 -5.99 -1.60 -20.09
CA LEU A 104 -5.61 -0.18 -20.06
C LEU A 104 -6.69 0.68 -19.44
N ASP A 105 -7.95 0.37 -19.72
CA ASP A 105 -9.01 1.31 -19.39
C ASP A 105 -9.34 1.28 -17.90
N VAL A 106 -9.25 0.11 -17.26
CA VAL A 106 -9.40 0.08 -15.80
C VAL A 106 -8.33 0.95 -15.16
N LEU A 107 -7.10 0.84 -15.68
CA LEU A 107 -5.99 1.61 -15.12
C LEU A 107 -6.21 3.10 -15.26
N LEU A 108 -6.62 3.55 -16.44
CA LEU A 108 -6.75 4.99 -16.65
C LEU A 108 -7.89 5.56 -15.81
N ASP A 109 -8.98 4.81 -15.63
CA ASP A 109 -10.04 5.27 -14.74
C ASP A 109 -9.53 5.41 -13.32
N ALA A 110 -8.85 4.39 -12.81
CA ALA A 110 -8.27 4.49 -11.47
C ALA A 110 -7.32 5.68 -11.39
N GLN A 111 -6.56 5.92 -12.45
CA GLN A 111 -5.63 7.04 -12.47
C GLN A 111 -6.38 8.36 -12.55
N ALA A 112 -7.32 8.46 -13.48
CA ALA A 112 -8.15 9.66 -13.55
C ALA A 112 -8.75 9.98 -12.18
N ASP A 113 -9.28 8.95 -11.50
CA ASP A 113 -9.83 9.14 -10.15
C ASP A 113 -8.79 9.77 -9.22
N ALA A 114 -7.62 9.12 -9.14
CA ALA A 114 -6.61 9.52 -8.16
C ALA A 114 -6.14 10.94 -8.42
N VAL A 115 -6.01 11.31 -9.68
CA VAL A 115 -5.49 12.62 -10.02
C VAL A 115 -6.51 13.69 -9.63
N LEU A 116 -7.73 13.54 -10.12
CA LEU A 116 -8.75 14.56 -9.89
C LEU A 116 -8.95 14.81 -8.40
N ALA A 117 -8.98 13.75 -7.60
CA ALA A 117 -9.00 13.90 -6.14
C ALA A 117 -7.81 14.73 -5.67
N HIS A 118 -6.59 14.26 -5.97
CA HIS A 118 -5.39 14.93 -5.48
C HIS A 118 -5.36 16.40 -5.83
N CYS A 119 -6.02 16.80 -6.91
CA CYS A 119 -5.93 18.17 -7.39
C CYS A 119 -7.08 19.07 -6.91
N ALA A 120 -8.00 18.53 -6.10
CA ALA A 120 -9.08 19.28 -5.44
C ALA A 120 -9.60 20.43 -6.28
N GLY A 121 -9.93 20.14 -7.53
CA GLY A 121 -10.45 21.12 -8.46
C GLY A 121 -9.44 22.09 -9.03
N ARG A 122 -8.10 21.95 -8.68
CA ARG A 122 -7.19 22.94 -9.26
C ARG A 122 -6.70 22.48 -10.64
N PRO A 123 -6.41 23.43 -11.54
CA PRO A 123 -5.72 23.09 -12.79
C PRO A 123 -4.42 22.34 -12.58
N PHE A 124 -4.20 21.33 -13.40
CA PHE A 124 -3.01 20.49 -13.34
C PHE A 124 -2.54 20.20 -14.76
N VAL A 125 -1.23 19.96 -14.89
CA VAL A 125 -0.61 19.62 -16.17
C VAL A 125 -0.12 18.18 -16.11
N LEU A 126 -0.35 17.44 -17.20
CA LEU A 126 0.12 16.06 -17.37
C LEU A 126 1.41 15.99 -18.16
N VAL A 127 2.33 15.14 -17.70
CA VAL A 127 3.69 15.07 -18.23
C VAL A 127 4.14 13.62 -18.31
N GLY A 128 4.85 13.25 -19.37
CA GLY A 128 5.47 11.95 -19.47
C GLY A 128 6.68 11.94 -20.38
N HIS A 129 7.54 10.94 -20.17
CA HIS A 129 8.79 10.81 -20.91
C HIS A 129 8.91 9.40 -21.44
N SER A 130 9.30 9.27 -22.71
CA SER A 130 9.16 8.05 -23.50
C SER A 130 7.84 7.33 -23.23
N ALA A 131 7.88 6.14 -22.63
CA ALA A 131 6.64 5.39 -22.44
C ALA A 131 5.67 6.16 -21.54
N GLY A 132 6.20 6.84 -20.51
CA GLY A 132 5.38 7.74 -19.74
C GLY A 132 4.69 8.80 -20.56
N ALA A 133 5.25 9.15 -21.72
CA ALA A 133 4.55 10.08 -22.59
C ALA A 133 3.28 9.44 -23.18
N ASN A 134 3.37 8.19 -23.66
CA ASN A 134 2.16 7.49 -24.08
C ASN A 134 1.15 7.38 -22.95
N MET A 135 1.61 7.03 -21.74
CA MET A 135 0.75 6.90 -20.56
C MET A 135 0.07 8.23 -20.21
N ALA A 136 0.85 9.31 -20.18
CA ALA A 136 0.25 10.63 -19.95
C ALA A 136 -0.73 10.99 -21.04
N HIS A 137 -0.47 10.56 -22.28
CA HIS A 137 -1.39 10.87 -23.36
C HIS A 137 -2.67 10.07 -23.24
N ALA A 138 -2.57 8.74 -23.07
CA ALA A 138 -3.79 7.94 -22.94
C ALA A 138 -4.62 8.44 -21.77
N LEU A 139 -3.96 8.83 -20.68
CA LEU A 139 -4.67 9.33 -19.53
C LEU A 139 -5.30 10.69 -19.82
N THR A 140 -4.66 11.53 -20.65
CA THR A 140 -5.28 12.80 -20.98
C THR A 140 -6.54 12.62 -21.81
N VAL A 141 -6.54 11.70 -22.77
CA VAL A 141 -7.75 11.52 -23.57
C VAL A 141 -8.86 10.88 -22.74
N ARG A 142 -8.52 9.98 -21.83
CA ARG A 142 -9.55 9.40 -20.97
C ARG A 142 -10.10 10.43 -20.01
N LEU A 143 -9.24 11.35 -19.56
CA LEU A 143 -9.73 12.45 -18.74
C LEU A 143 -10.67 13.36 -19.52
N GLU A 144 -10.30 13.66 -20.76
CA GLU A 144 -11.13 14.49 -21.60
C GLU A 144 -12.48 13.82 -21.91
N ALA A 145 -12.48 12.50 -22.08
CA ALA A 145 -13.74 11.77 -22.24
C ALA A 145 -14.67 12.00 -21.05
N ARG A 146 -14.12 12.33 -19.89
CA ARG A 146 -14.90 12.59 -18.69
C ARG A 146 -15.20 14.07 -18.50
N GLY A 147 -14.81 14.90 -19.45
CA GLY A 147 -15.00 16.33 -19.32
C GLY A 147 -13.96 17.05 -18.49
N ALA A 148 -13.17 16.32 -17.70
CA ALA A 148 -12.07 16.95 -16.98
C ALA A 148 -10.97 17.30 -17.98
N ASP A 149 -10.84 18.59 -18.31
CA ASP A 149 -9.89 19.03 -19.32
C ASP A 149 -8.56 19.35 -18.64
N PRO A 150 -7.52 18.55 -18.85
CA PRO A 150 -6.21 18.89 -18.29
C PRO A 150 -5.70 20.18 -18.89
N ALA A 151 -4.97 20.95 -18.09
CA ALA A 151 -4.52 22.26 -18.54
C ALA A 151 -3.63 22.14 -19.77
N ALA A 152 -2.71 21.16 -19.77
CA ALA A 152 -1.81 20.94 -20.90
C ALA A 152 -1.06 19.62 -20.70
N LEU A 153 -0.59 19.07 -21.81
CA LEU A 153 0.07 17.77 -21.86
C LEU A 153 1.49 17.94 -22.42
N VAL A 154 2.49 17.54 -21.63
CA VAL A 154 3.89 17.64 -22.03
C VAL A 154 4.40 16.25 -22.36
N LEU A 155 4.74 16.03 -23.62
CA LEU A 155 5.18 14.74 -24.13
C LEU A 155 6.66 14.83 -24.47
N MET A 156 7.48 14.03 -23.78
CA MET A 156 8.94 14.15 -23.89
C MET A 156 9.51 12.87 -24.48
N ASP A 157 9.98 12.98 -25.73
CA ASP A 157 10.60 11.89 -26.48
C ASP A 157 9.68 10.67 -26.58
N ILE A 158 8.47 10.92 -27.08
CA ILE A 158 7.47 9.89 -27.26
C ILE A 158 7.70 9.20 -28.60
N TYR A 159 7.53 7.88 -28.62
CA TYR A 159 7.57 7.07 -29.83
C TYR A 159 6.34 6.18 -29.84
N THR A 160 6.03 5.63 -31.01
CA THR A 160 4.87 4.76 -31.12
C THR A 160 5.26 3.32 -30.84
N PRO A 161 4.61 2.65 -29.88
CA PRO A 161 5.03 1.29 -29.49
C PRO A 161 5.14 0.29 -30.63
N ALA A 162 4.17 0.27 -31.56
CA ALA A 162 4.24 -0.68 -32.66
C ALA A 162 5.37 -0.34 -33.64
N ALA A 163 5.88 0.89 -33.60
CA ALA A 163 6.97 1.32 -34.47
C ALA A 163 7.99 2.12 -33.67
N PRO A 164 8.75 1.46 -32.79
CA PRO A 164 9.83 2.17 -32.10
C PRO A 164 10.93 2.63 -33.06
N VAL A 184 21.40 -0.54 -11.14
CA VAL A 184 19.97 -0.68 -10.88
C VAL A 184 19.59 -2.13 -10.52
N PRO A 185 19.32 -2.39 -9.24
CA PRO A 185 18.76 -3.70 -8.85
C PRO A 185 17.26 -3.72 -9.12
N VAL A 186 16.77 -4.82 -9.72
CA VAL A 186 15.38 -4.96 -10.10
C VAL A 186 14.85 -6.30 -9.60
N ASP A 187 13.54 -6.50 -9.73
CA ASP A 187 12.86 -7.65 -9.14
C ASP A 187 11.77 -8.16 -10.09
N ASP A 188 11.24 -9.35 -9.79
CA ASP A 188 10.28 -9.98 -10.68
C ASP A 188 9.01 -9.15 -10.87
N THR A 189 8.53 -8.49 -9.81
CA THR A 189 7.35 -7.63 -9.96
C THR A 189 7.59 -6.53 -11.00
N ARG A 190 8.70 -5.80 -10.87
CA ARG A 190 9.02 -4.77 -11.86
C ARG A 190 9.13 -5.34 -13.26
N LEU A 191 9.85 -6.46 -13.39
CA LEU A 191 10.06 -7.08 -14.69
C LEU A 191 8.75 -7.61 -15.28
N THR A 192 7.89 -8.23 -14.46
CA THR A 192 6.62 -8.65 -15.03
C THR A 192 5.73 -7.46 -15.27
N ALA A 193 5.82 -6.43 -14.42
CA ALA A 193 5.03 -5.22 -14.68
C ALA A 193 5.38 -4.65 -16.04
N MET A 194 6.68 -4.60 -16.37
CA MET A 194 7.11 -4.10 -17.66
C MET A 194 6.57 -4.95 -18.80
N GLY A 195 6.73 -6.27 -18.70
CA GLY A 195 6.14 -7.16 -19.70
C GLY A 195 4.64 -6.94 -19.87
N ALA A 196 3.91 -6.77 -18.75
CA ALA A 196 2.48 -6.51 -18.84
C ALA A 196 2.19 -5.12 -19.44
N TYR A 197 2.92 -4.08 -19.01
CA TYR A 197 2.63 -2.76 -19.53
C TYR A 197 2.99 -2.63 -21.01
N HIS A 198 3.98 -3.36 -21.47
CA HIS A 198 4.28 -3.40 -22.89
C HIS A 198 3.05 -3.88 -23.66
N ARG A 199 2.47 -4.99 -23.19
CA ARG A 199 1.26 -5.52 -23.81
C ARG A 199 0.13 -4.49 -23.82
N LEU A 200 -0.04 -3.73 -22.73
CA LEU A 200 -1.10 -2.72 -22.72
C LEU A 200 -0.90 -1.65 -23.77
N LEU A 201 0.35 -1.39 -24.16
CA LEU A 201 0.62 -0.26 -25.02
C LEU A 201 0.78 -0.63 -26.50
N LEU A 202 0.67 -1.91 -26.85
CA LEU A 202 0.91 -2.34 -28.23
C LEU A 202 -0.02 -1.60 -29.20
N ASP A 203 -1.27 -1.44 -28.82
CA ASP A 203 -2.27 -0.81 -29.66
C ASP A 203 -2.18 0.70 -29.69
N TRP A 204 -1.32 1.32 -28.88
CA TRP A 204 -1.37 2.76 -28.67
C TRP A 204 -1.34 3.50 -30.00
N ALA A 205 -2.18 4.53 -30.11
CA ALA A 205 -2.23 5.36 -31.30
C ALA A 205 -2.44 6.80 -30.86
N PRO A 206 -1.88 7.80 -31.63
CA PRO A 206 -1.81 9.19 -31.17
C PRO A 206 -3.08 10.02 -31.41
N ARG A 207 -4.23 9.50 -30.95
CA ARG A 207 -5.52 10.16 -30.87
C ARG A 207 -5.38 11.63 -30.47
N PRO A 208 -6.17 12.53 -31.03
CA PRO A 208 -6.01 13.95 -30.70
C PRO A 208 -6.47 14.25 -29.29
N THR A 209 -6.04 15.41 -28.80
CA THR A 209 -6.45 15.88 -27.49
C THR A 209 -6.83 17.34 -27.60
N ARG A 210 -7.85 17.75 -26.84
CA ARG A 210 -8.16 19.17 -26.73
C ARG A 210 -7.07 19.90 -25.97
N ALA A 211 -6.54 19.28 -24.92
CA ALA A 211 -5.44 19.88 -24.19
C ALA A 211 -4.26 20.12 -25.13
N PRO A 212 -3.62 21.28 -25.05
CA PRO A 212 -2.47 21.57 -25.92
C PRO A 212 -1.27 20.71 -25.55
N VAL A 213 -0.53 20.31 -26.58
CA VAL A 213 0.60 19.41 -26.41
C VAL A 213 1.90 20.18 -26.65
N LEU A 214 2.75 20.22 -25.64
CA LEU A 214 4.16 20.55 -25.81
C LEU A 214 4.94 19.26 -26.03
N HIS A 215 5.54 19.14 -27.22
CA HIS A 215 6.39 18.02 -27.59
C HIS A 215 7.86 18.44 -27.47
N LEU A 216 8.61 17.72 -26.66
CA LEU A 216 10.05 17.92 -26.55
C LEU A 216 10.74 16.68 -27.07
N TYR A 217 11.73 16.86 -27.92
CA TYR A 217 12.43 15.72 -28.47
C TYR A 217 13.93 15.90 -28.29
N ALA A 218 14.60 14.77 -28.07
CA ALA A 218 16.02 14.80 -27.77
C ALA A 218 16.82 15.34 -28.97
N GLY A 219 17.98 15.90 -28.67
CA GLY A 219 18.76 16.56 -29.71
C GLY A 219 19.89 15.70 -30.26
N GLU A 220 20.25 14.65 -29.52
CA GLU A 220 21.38 13.79 -29.84
C GLU A 220 20.90 12.34 -29.77
N PRO A 221 21.24 11.51 -30.75
CA PRO A 221 20.83 10.11 -30.66
C PRO A 221 21.55 9.41 -29.50
N ALA A 222 20.97 8.30 -29.07
CA ALA A 222 21.42 7.60 -27.88
C ALA A 222 22.39 6.47 -28.19
N GLY A 223 22.65 6.18 -29.45
CA GLY A 223 23.60 5.13 -29.77
C GLY A 223 23.92 5.09 -31.25
N ALA A 224 24.51 3.96 -31.65
CA ALA A 224 24.94 3.79 -33.03
C ALA A 224 23.73 3.77 -33.97
N ASP A 231 16.62 9.66 -40.14
CA ASP A 231 16.24 10.35 -38.90
C ASP A 231 15.57 9.43 -37.88
N TRP A 232 15.96 9.64 -36.62
CA TRP A 232 15.61 8.81 -35.47
C TRP A 232 14.79 9.57 -34.44
N ARG A 233 14.38 10.81 -34.75
CA ARG A 233 13.83 11.73 -33.77
C ARG A 233 12.45 11.29 -33.30
N SER A 234 12.16 11.62 -32.05
CA SER A 234 10.78 11.60 -31.61
C SER A 234 9.97 12.63 -32.41
N ARG A 235 8.84 12.18 -32.95
CA ARG A 235 7.91 13.00 -33.72
C ARG A 235 6.50 12.92 -33.14
N PHE A 236 5.82 14.06 -33.09
CA PHE A 236 4.42 14.11 -32.69
C PHE A 236 3.68 15.12 -33.56
N ASP A 237 2.79 14.64 -34.42
CA ASP A 237 1.99 15.49 -35.30
C ASP A 237 0.75 15.98 -34.58
N GLY A 238 0.42 17.26 -34.77
CA GLY A 238 -0.66 17.88 -34.04
C GLY A 238 -0.24 18.57 -32.76
N ALA A 239 1.05 18.78 -32.56
CA ALA A 239 1.55 19.42 -31.36
C ALA A 239 1.38 20.94 -31.46
N HIS A 240 1.08 21.57 -30.32
CA HIS A 240 1.04 23.03 -30.29
C HIS A 240 2.43 23.60 -30.51
N THR A 241 3.38 23.22 -29.67
CA THR A 241 4.78 23.54 -29.88
C THR A 241 5.57 22.24 -29.88
N SER A 242 6.57 22.15 -30.76
CA SER A 242 7.50 21.02 -30.79
C SER A 242 8.92 21.56 -30.83
N ALA A 243 9.62 21.44 -29.71
CA ALA A 243 10.93 22.05 -29.54
C ALA A 243 11.99 21.00 -29.24
N GLU A 244 13.14 21.14 -29.88
CA GLU A 244 14.30 20.31 -29.54
C GLU A 244 14.88 20.77 -28.21
N VAL A 245 15.51 19.83 -27.52
CA VAL A 245 16.25 20.14 -26.30
C VAL A 245 17.56 19.37 -26.33
N PRO A 246 18.59 19.94 -25.71
CA PRO A 246 19.90 19.27 -25.75
C PRO A 246 19.88 17.92 -25.07
N GLY A 247 20.77 17.05 -25.51
CA GLY A 247 21.00 15.78 -24.84
C GLY A 247 20.38 14.62 -25.59
N THR A 248 20.49 13.46 -24.96
CA THR A 248 19.98 12.24 -25.53
C THR A 248 18.64 11.86 -24.90
N HIS A 249 18.01 10.83 -25.49
CA HIS A 249 16.76 10.28 -24.97
C HIS A 249 16.83 10.20 -23.45
N PHE A 250 17.98 9.78 -22.93
CA PHE A 250 18.16 9.69 -21.49
C PHE A 250 18.62 11.00 -20.85
N SER A 251 19.68 11.63 -21.39
CA SER A 251 20.28 12.74 -20.66
C SER A 251 19.41 13.98 -20.65
N MET A 252 18.43 14.10 -21.55
CA MET A 252 17.53 15.26 -21.52
C MET A 252 16.81 15.40 -20.18
N MET A 253 16.70 14.30 -19.43
CA MET A 253 16.04 14.22 -18.14
C MET A 253 16.99 14.16 -16.96
N THR A 254 18.29 14.07 -17.20
CA THR A 254 19.26 14.15 -16.10
C THR A 254 20.16 15.34 -16.34
N GLU A 255 21.24 15.12 -17.09
CA GLU A 255 22.25 16.15 -17.27
C GLU A 255 21.65 17.45 -17.79
N HIS A 256 20.82 17.36 -18.83
CA HIS A 256 20.22 18.57 -19.40
C HIS A 256 18.81 18.84 -18.88
N ALA A 257 18.46 18.28 -17.72
CA ALA A 257 17.15 18.57 -17.16
C ALA A 257 16.95 20.05 -16.89
N PRO A 258 17.94 20.82 -16.39
CA PRO A 258 17.74 22.29 -16.29
C PRO A 258 17.22 22.91 -17.57
N VAL A 259 17.76 22.52 -18.71
CA VAL A 259 17.30 23.09 -19.97
C VAL A 259 15.90 22.58 -20.31
N THR A 260 15.66 21.27 -20.17
CA THR A 260 14.32 20.74 -20.38
C THR A 260 13.30 21.39 -19.44
N ALA A 261 13.67 21.54 -18.16
CA ALA A 261 12.80 22.21 -17.19
C ALA A 261 12.42 23.62 -17.66
N ALA A 262 13.43 24.46 -17.93
CA ALA A 262 13.16 25.85 -18.33
C ALA A 262 12.27 25.92 -19.57
N THR A 263 12.48 25.00 -20.51
CA THR A 263 11.64 24.95 -21.70
C THR A 263 10.16 24.78 -21.34
N VAL A 264 9.86 23.80 -20.48
CA VAL A 264 8.49 23.57 -20.06
C VAL A 264 7.98 24.77 -19.27
N HIS A 265 8.78 25.23 -18.31
CA HIS A 265 8.39 26.34 -17.45
C HIS A 265 8.00 27.57 -18.27
N LYS A 266 8.87 27.99 -19.19
CA LYS A 266 8.56 29.18 -19.98
C LYS A 266 7.40 28.89 -20.92
N TRP A 267 7.32 27.67 -21.47
CA TRP A 267 6.25 27.38 -22.41
C TRP A 267 4.90 27.33 -21.72
N LEU A 268 4.86 26.90 -20.45
CA LEU A 268 3.60 26.94 -19.72
C LEU A 268 3.13 28.38 -19.50
N ASP A 269 4.07 29.32 -19.28
CA ASP A 269 3.72 30.70 -18.99
C ASP A 269 2.98 31.37 -20.14
N GLU A 270 2.72 30.66 -21.22
CA GLU A 270 2.13 31.23 -22.43
C GLU A 270 0.77 30.63 -22.76
N VAL A 271 0.65 29.30 -22.76
CA VAL A 271 -0.62 28.65 -23.08
C VAL A 271 -1.69 29.00 -22.06
N GLY B 1 -11.73 22.21 3.88
CA GLY B 1 -10.80 21.46 4.70
C GLY B 1 -11.37 20.92 6.00
N SER B 2 -10.81 19.82 6.49
CA SER B 2 -11.25 19.27 7.78
C SER B 2 -10.89 20.24 8.90
N ALA B 3 -11.58 20.07 10.04
CA ALA B 3 -11.25 20.89 11.20
C ALA B 3 -9.82 20.67 11.65
N LEU B 4 -9.29 19.46 11.48
CA LEU B 4 -7.88 19.25 11.78
C LEU B 4 -7.00 20.05 10.81
N VAL B 5 -7.35 20.03 9.52
CA VAL B 5 -6.63 20.78 8.53
C VAL B 5 -6.72 22.26 8.83
N GLU B 6 -7.94 22.75 9.13
CA GLU B 6 -8.10 24.16 9.44
C GLU B 6 -7.45 24.53 10.76
N MET B 7 -7.48 23.64 11.75
CA MET B 7 -6.79 23.94 12.98
C MET B 7 -5.31 24.18 12.71
N TYR B 8 -4.72 23.37 11.82
CA TYR B 8 -3.27 23.42 11.62
C TYR B 8 -2.86 24.69 10.89
N ARG B 9 -3.65 25.12 9.89
CA ARG B 9 -3.38 26.40 9.24
C ARG B 9 -3.45 27.55 10.24
N ARG B 10 -4.55 27.63 11.00
CA ARG B 10 -4.71 28.72 11.96
C ARG B 10 -3.65 28.67 13.03
N ALA B 11 -3.16 27.47 13.37
CA ALA B 11 -2.11 27.35 14.38
C ALA B 11 -0.78 27.91 13.90
N VAL B 12 -0.41 27.66 12.63
CA VAL B 12 0.90 28.12 12.19
C VAL B 12 0.87 29.60 11.84
N ALA B 13 -0.30 30.15 11.50
CA ALA B 13 -0.44 31.59 11.34
C ALA B 13 -0.46 32.31 12.68
N THR B 14 -0.90 31.65 13.75
CA THR B 14 -1.08 32.29 15.05
C THR B 14 -0.02 31.86 16.06
N GLY B 15 1.02 31.16 15.61
CA GLY B 15 2.04 30.70 16.54
C GLY B 15 1.52 29.72 17.57
N ARG B 16 0.66 28.78 17.17
CA ARG B 16 0.13 27.80 18.10
C ARG B 16 0.45 26.38 17.66
N ALA B 17 1.49 26.21 16.83
CA ALA B 17 1.77 24.92 16.22
C ALA B 17 2.10 23.87 17.27
N ALA B 18 2.83 24.27 18.32
CA ALA B 18 3.14 23.34 19.40
C ALA B 18 1.88 22.68 19.92
N GLU B 19 0.87 23.50 20.23
CA GLU B 19 -0.38 22.97 20.76
C GLU B 19 -1.08 22.06 19.73
N ALA B 20 -1.19 22.54 18.49
CA ALA B 20 -1.83 21.74 17.45
C ALA B 20 -1.22 20.34 17.35
N VAL B 21 0.12 20.25 17.39
CA VAL B 21 0.77 18.95 17.30
C VAL B 21 0.39 18.06 18.47
N GLU B 22 0.32 18.62 19.68
CA GLU B 22 -0.09 17.82 20.83
C GLU B 22 -1.47 17.22 20.62
N VAL B 23 -2.41 18.05 20.17
CA VAL B 23 -3.76 17.57 19.90
C VAL B 23 -3.74 16.45 18.88
N LEU B 24 -3.08 16.68 17.73
CA LEU B 24 -3.03 15.66 16.69
C LEU B 24 -2.50 14.35 17.24
N GLY B 25 -1.55 14.41 18.17
CA GLY B 25 -1.09 13.20 18.83
C GLY B 25 -2.19 12.53 19.62
N THR B 26 -2.96 13.32 20.37
CA THR B 26 -4.09 12.74 21.09
C THR B 26 -5.11 12.14 20.14
N VAL B 27 -5.41 12.85 19.05
CA VAL B 27 -6.31 12.28 18.05
C VAL B 27 -5.73 10.99 17.48
N ALA B 28 -4.41 10.98 17.18
CA ALA B 28 -3.88 9.78 16.54
C ALA B 28 -3.85 8.55 17.46
N THR B 29 -4.07 8.71 18.77
CA THR B 29 -4.25 7.50 19.60
C THR B 29 -5.54 6.75 19.30
N PHE B 30 -6.44 7.29 18.50
CA PHE B 30 -7.64 6.56 18.12
C PHE B 30 -7.53 5.90 16.74
N ARG B 31 -6.40 6.03 16.06
CA ARG B 31 -6.17 5.43 14.77
C ARG B 31 -5.75 3.97 14.94
N PRO B 32 -6.10 3.10 13.98
CA PRO B 32 -5.56 1.73 13.98
C PRO B 32 -4.03 1.70 13.96
N VAL B 33 -3.46 0.79 14.75
CA VAL B 33 -2.00 0.68 14.87
C VAL B 33 -1.57 -0.77 14.62
N PHE B 34 -0.36 -0.95 14.08
CA PHE B 34 0.18 -2.28 13.93
C PHE B 34 1.17 -2.54 15.07
N ARG B 35 1.05 -3.72 15.69
CA ARG B 35 1.80 -4.05 16.88
C ARG B 35 3.05 -4.84 16.58
N SER B 36 3.18 -5.34 15.36
CA SER B 36 4.33 -6.15 14.97
C SER B 36 4.51 -6.00 13.48
N PRO B 37 5.72 -6.19 12.98
CA PRO B 37 5.92 -6.09 11.52
C PRO B 37 5.08 -7.08 10.74
N ASP B 38 4.84 -8.26 11.31
CA ASP B 38 4.03 -9.26 10.61
C ASP B 38 2.65 -8.73 10.33
N GLU B 39 1.98 -8.23 11.37
CA GLU B 39 0.63 -7.73 11.22
C GLU B 39 0.62 -6.33 10.62
N LEU B 40 1.64 -5.99 9.84
CA LEU B 40 1.61 -4.71 9.14
C LEU B 40 1.00 -4.83 7.74
N GLY B 41 1.15 -5.97 7.09
CA GLY B 41 0.65 -6.07 5.73
C GLY B 41 1.78 -6.19 4.73
N GLU B 42 2.18 -5.07 4.12
CA GLU B 42 3.36 -5.10 3.26
C GLU B 42 4.44 -4.20 3.85
N PRO B 43 5.70 -4.59 3.76
CA PRO B 43 6.80 -3.80 4.34
C PRO B 43 6.81 -2.37 3.84
N PRO B 44 7.35 -1.43 4.63
CA PRO B 44 7.57 -0.05 4.13
C PRO B 44 8.28 -0.06 2.79
N ALA B 45 7.68 0.55 1.76
CA ALA B 45 8.28 0.58 0.45
C ALA B 45 9.42 1.61 0.39
N LEU B 46 10.55 1.23 -0.20
CA LEU B 46 11.67 2.15 -0.43
C LEU B 46 11.54 2.84 -1.77
N VAL B 47 11.77 4.14 -1.80
CA VAL B 47 11.54 4.96 -2.99
C VAL B 47 12.90 5.38 -3.56
N PRO B 48 13.31 4.82 -4.71
CA PRO B 48 14.59 5.24 -5.33
C PRO B 48 14.45 6.57 -6.07
N LEU B 49 15.38 7.49 -5.80
CA LEU B 49 15.42 8.81 -6.46
C LEU B 49 16.61 9.00 -7.38
N GLY B 50 17.75 8.39 -7.07
CA GLY B 50 18.87 8.40 -7.99
C GLY B 50 19.55 7.05 -8.07
N THR B 51 19.67 6.50 -9.26
CA THR B 51 20.30 5.21 -9.43
C THR B 51 21.44 5.30 -10.43
N GLY B 52 22.14 4.19 -10.61
CA GLY B 52 23.13 4.05 -11.66
C GLY B 52 24.54 4.42 -11.27
N ALA B 53 24.78 4.80 -10.01
CA ALA B 53 26.09 5.22 -9.57
C ALA B 53 26.93 4.07 -9.01
N GLY B 54 26.33 3.09 -8.37
CA GLY B 54 27.10 2.06 -7.69
C GLY B 54 27.52 2.50 -6.29
N GLY B 55 28.29 1.64 -5.63
CA GLY B 55 28.65 1.87 -4.24
C GLY B 55 27.46 1.71 -3.30
N PRO B 56 27.70 1.88 -1.99
CA PRO B 56 26.59 1.76 -1.02
C PRO B 56 25.44 2.70 -1.31
N THR B 57 24.23 2.17 -1.23
CA THR B 57 23.05 3.01 -1.39
C THR B 57 22.90 3.90 -0.16
N LEU B 58 22.68 5.18 -0.41
CA LEU B 58 22.28 6.14 0.62
C LEU B 58 20.78 5.98 0.90
N VAL B 59 20.44 5.39 2.03
CA VAL B 59 19.04 5.25 2.42
C VAL B 59 18.66 6.43 3.30
N CYS B 60 17.79 7.28 2.75
CA CYS B 60 17.44 8.54 3.38
C CYS B 60 16.10 8.39 4.07
N CYS B 61 16.12 8.40 5.39
CA CYS B 61 14.89 8.35 6.17
C CYS B 61 14.11 9.64 6.01
N ALA B 62 12.82 9.50 5.72
CA ALA B 62 11.94 10.66 5.68
C ALA B 62 11.76 11.24 7.08
N GLY B 63 11.42 12.54 7.12
CA GLY B 63 11.16 13.19 8.38
C GLY B 63 9.76 12.87 8.92
N THR B 64 9.34 13.68 9.89
CA THR B 64 8.10 13.43 10.60
C THR B 64 7.15 14.62 10.55
N ALA B 65 7.38 15.57 9.66
CA ALA B 65 6.41 16.61 9.37
C ALA B 65 5.40 16.10 8.34
N ALA B 66 4.39 16.91 8.04
CA ALA B 66 3.40 16.51 7.04
C ALA B 66 3.77 17.00 5.65
N ALA B 67 4.86 17.75 5.52
CA ALA B 67 5.53 17.95 4.25
C ALA B 67 6.66 16.95 4.04
N SER B 68 6.64 15.83 4.75
CA SER B 68 7.77 14.92 4.74
C SER B 68 7.53 13.79 3.73
N GLY B 69 8.63 13.11 3.40
CA GLY B 69 8.62 12.10 2.39
C GLY B 69 9.69 12.28 1.34
N PRO B 70 9.48 11.67 0.18
CA PRO B 70 10.52 11.70 -0.86
C PRO B 70 10.90 13.11 -1.31
N ARG B 71 9.97 14.08 -1.30
CA ARG B 71 10.27 15.42 -1.79
C ARG B 71 11.40 16.07 -0.99
N GLU B 72 11.61 15.62 0.25
CA GLU B 72 12.68 16.15 1.08
C GLU B 72 14.04 16.02 0.39
N PHE B 73 14.25 14.94 -0.37
CA PHE B 73 15.56 14.61 -0.90
C PHE B 73 15.63 14.80 -2.40
N THR B 74 14.69 15.52 -2.99
CA THR B 74 14.71 15.71 -4.44
C THR B 74 16.00 16.37 -4.90
N ALA B 75 16.35 17.52 -4.29
CA ALA B 75 17.51 18.26 -4.76
C ALA B 75 18.79 17.53 -4.36
N PHE B 76 18.83 17.02 -3.14
CA PHE B 76 19.95 16.21 -2.69
C PHE B 76 20.26 15.04 -3.65
N ALA B 77 19.22 14.38 -4.15
CA ALA B 77 19.47 13.26 -5.05
C ALA B 77 19.85 13.73 -6.45
N ALA B 78 19.21 14.79 -6.93
CA ALA B 78 19.62 15.34 -8.22
C ALA B 78 21.09 15.71 -8.21
N ALA B 79 21.55 16.31 -7.10
CA ALA B 79 22.93 16.75 -7.02
C ALA B 79 23.88 15.57 -6.84
N LEU B 80 23.37 14.40 -6.41
CA LEU B 80 24.21 13.23 -6.24
C LEU B 80 24.18 12.29 -7.45
N ALA B 81 23.45 12.67 -8.49
CA ALA B 81 23.31 11.85 -9.70
C ALA B 81 24.67 11.44 -10.23
N GLY B 82 24.89 10.13 -10.32
CA GLY B 82 26.12 9.62 -10.84
C GLY B 82 27.27 9.65 -9.86
N LEU B 83 27.02 10.00 -8.61
CA LEU B 83 28.01 9.89 -7.56
C LEU B 83 27.56 8.95 -6.46
N ARG B 84 26.32 9.12 -6.00
CA ARG B 84 25.74 8.31 -4.95
C ARG B 84 24.30 7.99 -5.31
N ASP B 85 23.90 6.75 -5.01
CA ASP B 85 22.53 6.34 -5.17
C ASP B 85 21.74 6.77 -3.93
N VAL B 86 20.57 7.36 -4.16
CA VAL B 86 19.74 7.87 -3.09
C VAL B 86 18.39 7.15 -3.12
N THR B 87 18.00 6.62 -1.98
CA THR B 87 16.73 5.90 -1.86
C THR B 87 16.07 6.36 -0.58
N VAL B 88 14.79 6.66 -0.65
CA VAL B 88 14.07 7.21 0.49
C VAL B 88 13.26 6.10 1.15
N LEU B 89 13.39 5.99 2.47
CA LEU B 89 12.62 5.17 3.39
C LEU B 89 11.52 6.01 4.01
N PRO B 90 10.27 5.93 3.54
CA PRO B 90 9.21 6.77 4.11
C PRO B 90 8.80 6.30 5.49
N GLN B 91 8.15 7.20 6.22
CA GLN B 91 7.67 6.87 7.54
C GLN B 91 6.25 6.31 7.42
N THR B 92 6.02 5.13 7.98
CA THR B 92 4.73 4.45 7.84
C THR B 92 3.66 5.16 8.63
N GLY B 93 2.53 5.46 7.98
CA GLY B 93 1.36 6.03 8.63
C GLY B 93 0.96 7.40 8.10
N PHE B 94 1.81 8.05 7.28
CA PHE B 94 1.50 9.37 6.73
C PHE B 94 0.58 9.26 5.52
N LEU B 95 0.59 8.14 4.83
CA LEU B 95 -0.23 7.99 3.64
C LEU B 95 -1.54 7.28 4.01
N THR B 96 -2.63 7.68 3.35
CA THR B 96 -3.93 7.22 3.77
C THR B 96 -4.03 5.71 3.57
N GLY B 97 -4.65 5.03 4.53
CA GLY B 97 -4.70 3.60 4.52
C GLY B 97 -3.60 2.91 5.28
N GLU B 98 -2.44 3.60 5.53
CA GLU B 98 -1.34 3.06 6.35
C GLU B 98 -1.71 3.17 7.82
N PRO B 99 -1.43 2.14 8.62
CA PRO B 99 -1.59 2.27 10.08
C PRO B 99 -0.39 2.99 10.67
N LEU B 100 -0.51 3.32 11.94
CA LEU B 100 0.53 3.91 12.77
C LEU B 100 1.25 2.82 13.57
N PRO B 101 2.55 2.96 13.83
CA PRO B 101 3.21 2.00 14.72
C PRO B 101 2.73 2.14 16.15
N ALA B 102 2.61 0.99 16.85
CA ALA B 102 2.16 1.02 18.23
C ALA B 102 3.22 1.63 19.16
N GLY B 103 4.48 1.52 18.78
CA GLY B 103 5.58 2.13 19.50
C GLY B 103 6.75 2.24 18.55
N LEU B 104 7.78 2.95 19.01
CA LEU B 104 8.94 3.19 18.16
C LEU B 104 9.66 1.89 17.81
N ASP B 105 9.78 0.96 18.77
CA ASP B 105 10.52 -0.29 18.53
C ASP B 105 9.90 -1.12 17.40
N VAL B 106 8.57 -1.17 17.35
CA VAL B 106 7.90 -1.86 16.25
C VAL B 106 8.32 -1.25 14.92
N LEU B 107 8.22 0.08 14.83
CA LEU B 107 8.56 0.79 13.61
C LEU B 107 9.97 0.48 13.16
N LEU B 108 10.92 0.53 14.09
CA LEU B 108 12.31 0.34 13.68
C LEU B 108 12.57 -1.10 13.24
N ASP B 109 11.85 -2.09 13.80
CA ASP B 109 12.01 -3.46 13.30
C ASP B 109 11.47 -3.59 11.88
N ALA B 110 10.29 -3.03 11.61
CA ALA B 110 9.75 -3.11 10.26
C ALA B 110 10.67 -2.40 9.27
N GLN B 111 11.22 -1.26 9.68
CA GLN B 111 12.13 -0.55 8.80
C GLN B 111 13.41 -1.35 8.61
N ALA B 112 13.95 -1.89 9.72
CA ALA B 112 15.17 -2.66 9.62
C ALA B 112 14.99 -3.85 8.70
N ASP B 113 13.86 -4.55 8.84
CA ASP B 113 13.52 -5.65 7.93
C ASP B 113 13.50 -5.18 6.47
N ALA B 114 12.75 -4.09 6.20
CA ALA B 114 12.58 -3.64 4.82
C ALA B 114 13.89 -3.17 4.21
N VAL B 115 14.75 -2.52 5.00
CA VAL B 115 16.00 -2.00 4.46
C VAL B 115 16.93 -3.14 4.06
N LEU B 116 17.22 -4.01 5.04
CA LEU B 116 18.07 -5.16 4.79
C LEU B 116 17.62 -5.95 3.58
N ALA B 117 16.31 -6.19 3.47
CA ALA B 117 15.79 -6.90 2.29
C ALA B 117 16.06 -6.12 1.02
N HIS B 118 15.84 -4.80 1.03
CA HIS B 118 16.07 -4.01 -0.18
C HIS B 118 17.54 -3.94 -0.53
N CYS B 119 18.43 -4.06 0.46
CA CYS B 119 19.86 -3.98 0.17
C CYS B 119 20.48 -5.34 -0.17
N ALA B 120 19.81 -6.44 0.16
CA ALA B 120 20.25 -7.79 -0.16
C ALA B 120 21.75 -7.94 0.12
N GLY B 121 22.10 -7.79 1.39
CA GLY B 121 23.46 -8.00 1.87
C GLY B 121 24.48 -6.94 1.49
N ARG B 122 24.15 -6.10 0.50
CA ARG B 122 25.10 -5.09 0.08
C ARG B 122 25.12 -3.91 1.08
N PRO B 123 26.24 -3.21 1.18
CA PRO B 123 26.35 -2.15 2.18
C PRO B 123 25.51 -0.93 1.84
N PHE B 124 25.08 -0.23 2.88
CA PHE B 124 24.24 0.93 2.71
C PHE B 124 24.63 1.98 3.75
N VAL B 125 24.28 3.23 3.44
CA VAL B 125 24.47 4.37 4.33
C VAL B 125 23.10 4.91 4.73
N LEU B 126 22.93 5.23 6.02
CA LEU B 126 21.70 5.86 6.49
C LEU B 126 21.87 7.38 6.57
N VAL B 127 20.87 8.10 6.09
CA VAL B 127 20.85 9.56 6.02
C VAL B 127 19.51 10.07 6.56
N GLY B 128 19.54 11.18 7.29
CA GLY B 128 18.34 11.87 7.73
C GLY B 128 18.58 13.36 7.89
N HIS B 129 17.52 14.13 7.64
CA HIS B 129 17.53 15.58 7.87
C HIS B 129 16.44 15.96 8.87
N SER B 130 16.74 16.93 9.73
CA SER B 130 15.78 17.39 10.74
C SER B 130 15.35 16.17 11.54
N ALA B 131 14.05 15.97 11.82
CA ALA B 131 13.63 14.81 12.61
C ALA B 131 13.90 13.49 11.89
N GLY B 132 13.91 13.50 10.55
CA GLY B 132 14.40 12.34 9.82
C GLY B 132 15.81 11.96 10.24
N ALA B 133 16.61 12.93 10.69
CA ALA B 133 17.91 12.58 11.24
C ALA B 133 17.76 11.73 12.49
N ASN B 134 16.85 12.09 13.40
CA ASN B 134 16.64 11.25 14.58
C ASN B 134 16.19 9.83 14.19
N MET B 135 15.29 9.73 13.21
CA MET B 135 14.86 8.42 12.72
C MET B 135 16.02 7.63 12.13
N ALA B 136 16.88 8.30 11.36
CA ALA B 136 18.04 7.63 10.77
C ALA B 136 18.94 7.10 11.87
N HIS B 137 19.19 7.93 12.88
CA HIS B 137 19.94 7.49 14.06
C HIS B 137 19.25 6.35 14.78
N ALA B 138 17.96 6.50 15.09
CA ALA B 138 17.25 5.46 15.83
C ALA B 138 17.31 4.14 15.08
N LEU B 139 17.08 4.17 13.77
CA LEU B 139 17.16 2.96 12.97
C LEU B 139 18.59 2.43 12.87
N THR B 140 19.58 3.34 12.79
CA THR B 140 20.97 2.89 12.90
C THR B 140 21.19 2.10 14.18
N VAL B 141 20.69 2.61 15.31
CA VAL B 141 20.94 1.95 16.58
C VAL B 141 20.25 0.59 16.63
N ARG B 142 19.02 0.52 16.13
CA ARG B 142 18.29 -0.75 16.09
C ARG B 142 19.00 -1.75 15.17
N LEU B 143 19.32 -1.33 13.94
CA LEU B 143 20.09 -2.17 13.01
C LEU B 143 21.36 -2.73 13.64
N GLU B 144 22.09 -1.89 14.40
CA GLU B 144 23.30 -2.36 15.06
C GLU B 144 22.98 -3.32 16.20
N ALA B 145 21.88 -3.09 16.93
CA ALA B 145 21.53 -4.01 18.00
C ALA B 145 21.16 -5.39 17.49
N ARG B 146 20.85 -5.54 16.21
CA ARG B 146 20.48 -6.81 15.61
C ARG B 146 21.55 -7.32 14.64
N GLY B 147 22.82 -7.07 14.95
CA GLY B 147 23.91 -7.61 14.17
C GLY B 147 24.21 -6.92 12.87
N ALA B 148 23.31 -6.10 12.35
CA ALA B 148 23.59 -5.41 11.11
C ALA B 148 24.50 -4.20 11.35
N ASP B 149 25.10 -3.71 10.28
CA ASP B 149 26.09 -2.64 10.38
C ASP B 149 25.90 -1.67 9.22
N PRO B 150 25.16 -0.58 9.43
CA PRO B 150 25.20 0.51 8.44
C PRO B 150 26.64 0.98 8.26
N ALA B 151 27.02 1.23 7.01
CA ALA B 151 28.39 1.62 6.73
C ALA B 151 28.68 3.06 7.16
N ALA B 152 27.67 3.92 7.15
CA ALA B 152 27.81 5.23 7.79
C ALA B 152 26.43 5.84 8.00
N LEU B 153 26.38 6.82 8.89
CA LEU B 153 25.17 7.55 9.23
C LEU B 153 25.40 9.04 9.03
N VAL B 154 24.59 9.67 8.19
CA VAL B 154 24.68 11.11 7.94
C VAL B 154 23.46 11.79 8.57
N LEU B 155 23.72 12.68 9.54
CA LEU B 155 22.70 13.49 10.24
C LEU B 155 22.82 14.94 9.82
N MET B 156 21.80 15.45 9.16
CA MET B 156 21.77 16.82 8.71
C MET B 156 20.84 17.61 9.62
N ASP B 157 21.44 18.48 10.45
CA ASP B 157 20.74 19.49 11.24
C ASP B 157 19.83 18.85 12.28
N ILE B 158 20.39 17.90 13.01
CA ILE B 158 19.66 17.15 14.01
C ILE B 158 19.55 17.97 15.29
N TYR B 159 18.36 17.95 15.90
CA TYR B 159 18.13 18.53 17.22
C TYR B 159 17.53 17.49 18.15
N THR B 160 17.54 17.77 19.45
CA THR B 160 16.96 16.83 20.41
C THR B 160 15.48 17.12 20.55
N PRO B 161 14.60 16.17 20.21
CA PRO B 161 13.13 16.44 20.28
C PRO B 161 12.63 16.92 21.63
N ALA B 162 13.12 16.36 22.74
CA ALA B 162 12.61 16.76 24.06
C ALA B 162 13.03 18.16 24.46
N ALA B 163 14.08 18.71 23.84
CA ALA B 163 14.56 20.07 24.13
C ALA B 163 14.72 20.82 22.81
N PRO B 164 13.61 21.29 22.22
CA PRO B 164 13.62 21.91 20.88
C PRO B 164 14.52 23.15 20.78
N PRO B 185 -0.48 21.63 1.41
CA PRO B 185 -1.49 20.66 0.95
C PRO B 185 -1.46 19.38 1.79
N VAL B 186 -2.18 19.38 2.91
CA VAL B 186 -2.06 18.33 3.91
C VAL B 186 -3.43 17.71 4.19
N ASP B 187 -3.43 16.60 4.93
CA ASP B 187 -4.66 15.89 5.25
C ASP B 187 -4.58 15.32 6.66
N ASP B 188 -5.74 14.86 7.16
CA ASP B 188 -5.85 14.30 8.50
C ASP B 188 -4.86 13.18 8.75
N THR B 189 -4.68 12.31 7.76
CA THR B 189 -3.75 11.21 7.95
C THR B 189 -2.33 11.73 8.15
N ARG B 190 -1.91 12.69 7.32
CA ARG B 190 -0.60 13.31 7.48
C ARG B 190 -0.48 14.02 8.82
N LEU B 191 -1.48 14.85 9.16
CA LEU B 191 -1.43 15.62 10.38
C LEU B 191 -1.43 14.72 11.61
N THR B 192 -2.33 13.71 11.64
CA THR B 192 -2.34 12.84 12.81
C THR B 192 -1.09 12.00 12.84
N ALA B 193 -0.54 11.62 11.68
CA ALA B 193 0.76 10.94 11.71
C ALA B 193 1.84 11.85 12.31
N MET B 194 1.81 13.14 11.97
CA MET B 194 2.79 14.07 12.54
C MET B 194 2.70 14.14 14.07
N GLY B 195 1.47 14.23 14.59
CA GLY B 195 1.30 14.17 16.04
C GLY B 195 1.83 12.88 16.65
N ALA B 196 1.55 11.75 16.02
CA ALA B 196 1.95 10.47 16.60
C ALA B 196 3.46 10.32 16.60
N TYR B 197 4.10 10.60 15.47
CA TYR B 197 5.55 10.47 15.44
C TYR B 197 6.22 11.42 16.40
N HIS B 198 5.59 12.59 16.65
CA HIS B 198 6.10 13.50 17.66
C HIS B 198 6.15 12.82 19.03
N ARG B 199 5.06 12.16 19.41
CA ARG B 199 5.05 11.39 20.64
C ARG B 199 6.15 10.33 20.64
N LEU B 200 6.33 9.65 19.52
CA LEU B 200 7.34 8.60 19.43
C LEU B 200 8.76 9.10 19.64
N LEU B 201 9.09 10.33 19.20
CA LEU B 201 10.47 10.80 19.34
C LEU B 201 10.70 11.61 20.61
N LEU B 202 9.77 11.56 21.57
CA LEU B 202 9.84 12.44 22.72
C LEU B 202 11.07 12.18 23.60
N ASP B 203 11.42 10.92 23.85
CA ASP B 203 12.57 10.67 24.73
C ASP B 203 13.83 10.21 23.98
N TRP B 204 13.89 10.48 22.68
CA TRP B 204 15.05 10.14 21.87
C TRP B 204 16.35 10.69 22.45
N ALA B 205 17.37 9.85 22.53
CA ALA B 205 18.65 10.21 23.10
C ALA B 205 19.78 9.86 22.13
N PRO B 206 20.80 10.71 22.04
CA PRO B 206 21.84 10.52 21.01
C PRO B 206 22.78 9.35 21.24
N ARG B 207 22.25 8.13 21.37
CA ARG B 207 22.95 6.89 21.71
C ARG B 207 24.29 6.70 20.99
N PRO B 208 25.20 5.93 21.57
CA PRO B 208 26.48 5.69 20.88
C PRO B 208 26.28 4.77 19.69
N THR B 209 27.10 4.96 18.67
CA THR B 209 26.90 4.30 17.39
C THR B 209 28.21 3.70 16.88
N ARG B 210 28.14 2.50 16.31
CA ARG B 210 29.33 1.93 15.69
C ARG B 210 29.64 2.63 14.38
N ALA B 211 28.61 2.94 13.58
CA ALA B 211 28.84 3.49 12.25
C ALA B 211 29.40 4.92 12.36
N PRO B 212 30.34 5.29 11.48
CA PRO B 212 30.88 6.65 11.48
C PRO B 212 29.79 7.66 11.16
N VAL B 213 29.82 8.78 11.86
CA VAL B 213 28.77 9.79 11.77
C VAL B 213 29.36 11.05 11.14
N LEU B 214 28.86 11.41 9.96
CA LEU B 214 29.01 12.76 9.41
C LEU B 214 27.85 13.60 9.91
N HIS B 215 28.17 14.78 10.45
CA HIS B 215 27.17 15.69 10.99
C HIS B 215 27.28 17.02 10.26
N LEU B 216 26.24 17.38 9.52
CA LEU B 216 26.19 18.64 8.82
C LEU B 216 25.19 19.53 9.53
N TYR B 217 25.56 20.79 9.75
CA TYR B 217 24.65 21.72 10.40
C TYR B 217 24.56 22.99 9.57
N ALA B 218 23.41 23.64 9.67
CA ALA B 218 23.13 24.81 8.85
C ALA B 218 23.96 26.00 9.32
N GLY B 219 24.31 26.85 8.37
CA GLY B 219 25.19 27.99 8.61
C GLY B 219 24.44 29.24 9.04
N GLU B 220 23.28 29.47 8.48
CA GLU B 220 22.39 30.59 8.77
C GLU B 220 21.26 30.16 9.70
N PRO B 221 20.88 30.98 10.69
CA PRO B 221 19.73 30.62 11.54
C PRO B 221 18.44 30.70 10.74
N ALA B 222 17.37 30.14 11.31
CA ALA B 222 16.12 30.00 10.57
C ALA B 222 15.03 30.99 10.99
N GLY B 223 15.25 31.74 12.06
CA GLY B 223 14.26 32.72 12.47
C GLY B 223 14.79 33.52 13.63
N ALA B 224 13.87 34.23 14.30
CA ALA B 224 14.23 35.08 15.43
C ALA B 224 15.02 34.29 16.48
N TRP B 225 16.08 34.93 17.01
CA TRP B 225 16.94 34.30 18.00
C TRP B 225 17.08 35.16 19.25
N ASP B 227 19.14 35.40 22.37
CA ASP B 227 20.42 35.53 23.07
C ASP B 227 21.59 35.26 22.13
N PRO B 228 22.21 36.33 21.62
CA PRO B 228 23.43 36.17 20.81
C PRO B 228 24.59 35.47 21.54
N ARG B 229 24.51 35.30 22.86
CA ARG B 229 25.56 34.57 23.57
C ARG B 229 25.44 33.06 23.38
N GLN B 230 24.21 32.55 23.18
CA GLN B 230 23.98 31.12 23.07
C GLN B 230 23.98 30.67 21.61
N ASP B 231 24.19 29.37 21.41
CA ASP B 231 24.34 28.77 20.09
C ASP B 231 23.05 28.07 19.67
N TRP B 232 22.47 28.52 18.56
CA TRP B 232 21.28 27.91 17.99
C TRP B 232 21.61 26.70 17.12
N ARG B 233 22.86 26.57 16.67
CA ARG B 233 23.20 25.62 15.63
C ARG B 233 23.05 24.18 16.10
N SER B 234 22.95 23.28 15.13
CA SER B 234 22.75 21.87 15.40
C SER B 234 24.08 21.25 15.82
N ARG B 235 24.07 20.45 16.86
CA ARG B 235 25.29 19.79 17.30
C ARG B 235 25.06 18.30 17.41
N PHE B 236 26.16 17.56 17.46
CA PHE B 236 26.07 16.11 17.69
C PHE B 236 27.44 15.62 18.15
N ASP B 237 27.54 15.28 19.44
CA ASP B 237 28.79 14.78 20.01
C ASP B 237 29.07 13.34 19.56
N GLY B 238 30.34 13.07 19.21
CA GLY B 238 30.73 11.77 18.72
C GLY B 238 30.81 11.68 17.22
N ALA B 239 30.54 12.77 16.52
CA ALA B 239 30.61 12.76 15.07
C ALA B 239 32.05 12.58 14.62
N HIS B 240 32.24 11.64 13.69
CA HIS B 240 33.51 11.56 12.98
C HIS B 240 33.86 12.93 12.42
N THR B 241 33.02 13.45 11.54
CA THR B 241 33.21 14.77 10.97
C THR B 241 31.94 15.58 11.20
N SER B 242 32.14 16.88 11.44
CA SER B 242 31.06 17.82 11.69
C SER B 242 31.41 19.12 10.98
N ALA B 243 30.59 19.50 9.99
CA ALA B 243 30.91 20.58 9.07
C ALA B 243 29.69 21.44 8.88
N GLU B 244 29.89 22.74 8.97
CA GLU B 244 28.86 23.71 8.66
C GLU B 244 28.73 23.85 7.15
N VAL B 245 27.50 23.85 6.67
CA VAL B 245 27.21 23.96 5.24
C VAL B 245 26.40 25.24 5.05
N PRO B 246 26.42 25.81 3.84
CA PRO B 246 25.58 26.99 3.56
C PRO B 246 24.09 26.70 3.69
N GLY B 247 23.34 27.74 4.05
CA GLY B 247 21.89 27.69 4.12
C GLY B 247 21.37 27.70 5.56
N THR B 248 20.04 27.79 5.65
CA THR B 248 19.34 27.58 6.91
C THR B 248 18.87 26.13 7.01
N HIS B 249 18.28 25.80 8.16
CA HIS B 249 17.66 24.49 8.39
C HIS B 249 16.95 23.98 7.15
N PHE B 250 16.20 24.85 6.47
CA PHE B 250 15.45 24.44 5.30
C PHE B 250 16.25 24.51 4.00
N SER B 251 16.95 25.63 3.74
CA SER B 251 17.55 25.83 2.41
C SER B 251 18.78 24.94 2.19
N MET B 252 19.34 24.34 3.22
CA MET B 252 20.46 23.44 2.98
C MET B 252 20.05 22.21 2.15
N MET B 253 18.77 21.84 2.12
CA MET B 253 18.34 20.71 1.31
C MET B 253 17.73 21.12 -0.01
N THR B 254 17.63 22.42 -0.26
CA THR B 254 17.09 22.86 -1.53
C THR B 254 18.15 23.65 -2.29
N GLU B 255 18.13 24.96 -2.11
CA GLU B 255 19.03 25.84 -2.85
C GLU B 255 20.49 25.46 -2.62
N HIS B 256 20.87 25.18 -1.37
CA HIS B 256 22.23 24.77 -1.06
C HIS B 256 22.40 23.26 -0.95
N ALA B 257 21.49 22.49 -1.55
CA ALA B 257 21.69 21.05 -1.64
C ALA B 257 22.94 20.69 -2.44
N PRO B 258 23.33 21.39 -3.53
CA PRO B 258 24.57 21.01 -4.21
C PRO B 258 25.76 20.94 -3.27
N VAL B 259 25.88 21.88 -2.35
CA VAL B 259 27.05 21.90 -1.48
C VAL B 259 26.94 20.79 -0.44
N THR B 260 25.80 20.74 0.24
CA THR B 260 25.47 19.61 1.11
C THR B 260 25.78 18.26 0.47
N ALA B 261 25.28 18.05 -0.75
CA ALA B 261 25.50 16.79 -1.47
C ALA B 261 26.98 16.57 -1.78
N ALA B 262 27.68 17.63 -2.23
CA ALA B 262 29.11 17.47 -2.50
C ALA B 262 29.85 17.17 -1.21
N THR B 263 29.38 17.74 -0.09
CA THR B 263 30.07 17.51 1.17
C THR B 263 29.95 16.06 1.60
N VAL B 264 28.76 15.44 1.44
CA VAL B 264 28.58 14.04 1.84
C VAL B 264 29.42 13.14 0.96
N HIS B 265 29.32 13.35 -0.36
CA HIS B 265 30.00 12.49 -1.33
C HIS B 265 31.50 12.48 -1.10
N LYS B 266 32.07 13.67 -0.91
CA LYS B 266 33.48 13.79 -0.53
C LYS B 266 33.78 13.00 0.74
N TRP B 267 33.01 13.21 1.80
CA TRP B 267 33.29 12.54 3.07
C TRP B 267 33.11 11.03 3.01
N LEU B 268 32.30 10.51 2.08
CA LEU B 268 32.11 9.07 2.00
C LEU B 268 33.36 8.35 1.51
N ASP B 269 34.30 9.07 0.91
CA ASP B 269 35.52 8.43 0.43
C ASP B 269 36.63 8.36 1.48
N GLU B 270 36.60 9.22 2.52
CA GLU B 270 37.58 9.13 3.60
C GLU B 270 37.32 7.95 4.53
N VAL B 271 36.23 8.03 5.28
CA VAL B 271 35.82 6.98 6.21
C VAL B 271 35.82 5.61 5.54
N GLY C 1 -14.22 8.52 6.48
CA GLY C 1 -14.54 9.63 7.38
C GLY C 1 -13.34 10.45 7.83
N SER C 2 -13.58 11.62 8.42
CA SER C 2 -12.49 12.44 8.91
C SER C 2 -11.88 11.83 10.17
N ALA C 3 -10.69 12.28 10.53
CA ALA C 3 -10.03 11.69 11.69
C ALA C 3 -10.70 12.09 13.01
N LEU C 4 -11.40 13.21 13.04
CA LEU C 4 -12.21 13.51 14.21
C LEU C 4 -13.42 12.58 14.27
N VAL C 5 -14.04 12.34 13.10
CA VAL C 5 -15.21 11.46 13.03
C VAL C 5 -14.85 10.10 13.57
N GLU C 6 -13.91 9.41 12.92
CA GLU C 6 -13.41 8.13 13.42
C GLU C 6 -13.03 8.21 14.90
N MET C 7 -12.44 9.32 15.34
CA MET C 7 -12.07 9.42 16.75
C MET C 7 -13.29 9.31 17.65
N TYR C 8 -14.34 10.09 17.35
CA TYR C 8 -15.53 10.06 18.18
C TYR C 8 -16.16 8.66 18.19
N ARG C 9 -16.33 8.06 17.01
CA ARG C 9 -16.88 6.70 16.91
C ARG C 9 -16.14 5.74 17.83
N ARG C 10 -14.83 5.64 17.66
CA ARG C 10 -14.03 4.74 18.48
C ARG C 10 -14.09 5.09 19.97
N ALA C 11 -14.20 6.38 20.31
CA ALA C 11 -14.14 6.80 21.70
C ALA C 11 -15.37 6.37 22.49
N VAL C 12 -16.55 6.52 21.87
CA VAL C 12 -17.77 6.14 22.57
C VAL C 12 -17.88 4.63 22.66
N ALA C 13 -17.49 3.93 21.60
CA ALA C 13 -17.47 2.48 21.60
C ALA C 13 -16.50 1.91 22.61
N THR C 14 -15.52 2.71 23.06
CA THR C 14 -14.53 2.24 24.01
C THR C 14 -14.58 3.04 25.33
N GLY C 15 -15.73 3.64 25.64
CA GLY C 15 -15.88 4.42 26.86
C GLY C 15 -14.92 5.59 27.00
N ARG C 16 -14.52 6.21 25.88
CA ARG C 16 -13.59 7.34 25.92
C ARG C 16 -14.23 8.63 25.43
N ALA C 17 -15.57 8.67 25.41
CA ALA C 17 -16.29 9.82 24.89
C ALA C 17 -15.85 11.11 25.58
N ALA C 18 -15.82 11.10 26.92
CA ALA C 18 -15.38 12.28 27.66
C ALA C 18 -14.04 12.79 27.16
N GLU C 19 -13.07 11.88 27.01
CA GLU C 19 -11.76 12.30 26.52
C GLU C 19 -11.87 12.89 25.13
N ALA C 20 -12.75 12.33 24.29
CA ALA C 20 -12.93 12.83 22.93
C ALA C 20 -13.52 14.25 22.94
N VAL C 21 -14.44 14.53 23.86
CA VAL C 21 -15.08 15.85 23.89
C VAL C 21 -14.08 16.94 24.28
N GLU C 22 -13.18 16.64 25.23
CA GLU C 22 -12.11 17.59 25.55
C GLU C 22 -11.22 17.85 24.35
N VAL C 23 -10.82 16.78 23.64
CA VAL C 23 -10.04 16.93 22.42
C VAL C 23 -10.74 17.87 21.45
N LEU C 24 -12.05 17.65 21.26
CA LEU C 24 -12.83 18.43 20.30
C LEU C 24 -12.98 19.88 20.73
N GLY C 25 -13.15 20.12 22.04
CA GLY C 25 -13.22 21.49 22.52
C GLY C 25 -11.93 22.24 22.24
N THR C 26 -10.80 21.54 22.38
CA THR C 26 -9.51 22.14 22.07
C THR C 26 -9.39 22.43 20.58
N VAL C 27 -9.75 21.47 19.73
CA VAL C 27 -9.75 21.75 18.29
C VAL C 27 -10.62 22.97 18.01
N ALA C 28 -11.76 23.07 18.70
CA ALA C 28 -12.73 24.12 18.45
C ALA C 28 -12.22 25.52 18.79
N THR C 29 -11.19 25.64 19.63
CA THR C 29 -10.61 26.95 19.89
C THR C 29 -9.82 27.50 18.69
N PHE C 30 -9.53 26.68 17.68
CA PHE C 30 -8.90 27.18 16.47
C PHE C 30 -9.91 27.64 15.44
N ARG C 31 -11.19 27.46 15.73
CA ARG C 31 -12.30 27.79 14.87
C ARG C 31 -12.61 29.27 14.96
N PRO C 32 -13.08 29.87 13.87
CA PRO C 32 -13.58 31.25 13.94
C PRO C 32 -14.70 31.43 14.95
N VAL C 33 -14.75 32.61 15.57
CA VAL C 33 -15.73 32.96 16.58
C VAL C 33 -16.45 34.23 16.19
N PHE C 34 -17.54 34.51 16.88
CA PHE C 34 -18.12 35.84 16.83
C PHE C 34 -18.16 36.42 18.24
N ARG C 35 -17.67 37.65 18.39
CA ARG C 35 -17.57 38.31 19.68
C ARG C 35 -18.75 39.20 19.99
N SER C 36 -19.60 39.46 19.00
CA SER C 36 -20.78 40.30 19.22
C SER C 36 -21.88 39.81 18.30
N PRO C 37 -23.15 39.92 18.72
CA PRO C 37 -24.25 39.53 17.82
C PRO C 37 -24.18 40.21 16.47
N ASP C 38 -23.56 41.38 16.42
CA ASP C 38 -23.44 42.16 15.19
C ASP C 38 -22.77 41.37 14.07
N GLU C 39 -21.83 40.49 14.41
CA GLU C 39 -21.02 39.80 13.43
C GLU C 39 -21.72 38.64 12.74
N LEU C 40 -22.94 38.29 13.16
CA LEU C 40 -23.59 37.14 12.54
C LEU C 40 -24.09 37.47 11.14
N GLY C 41 -24.36 38.72 10.83
CA GLY C 41 -25.04 39.00 9.58
C GLY C 41 -26.52 38.79 9.78
N GLU C 42 -26.90 37.57 10.16
CA GLU C 42 -28.28 37.27 10.49
C GLU C 42 -28.39 36.68 11.89
N PRO C 43 -29.33 37.14 12.70
CA PRO C 43 -29.58 36.50 13.98
C PRO C 43 -29.88 35.02 13.78
N PRO C 44 -29.63 34.20 14.80
CA PRO C 44 -29.95 32.77 14.69
C PRO C 44 -31.34 32.57 14.12
N ALA C 45 -31.43 31.70 13.12
CA ALA C 45 -32.72 31.38 12.53
C ALA C 45 -33.52 30.48 13.46
N LEU C 46 -34.85 30.63 13.43
CA LEU C 46 -35.76 29.78 14.20
C LEU C 46 -36.54 28.90 13.25
N VAL C 47 -36.61 27.61 13.58
CA VAL C 47 -37.19 26.64 12.64
C VAL C 47 -38.57 26.22 13.13
N PRO C 48 -39.64 26.81 12.59
CA PRO C 48 -41.00 26.31 12.90
C PRO C 48 -41.15 24.83 12.57
N LEU C 49 -41.65 24.05 13.54
CA LEU C 49 -42.03 22.67 13.26
C LEU C 49 -43.54 22.43 13.30
N GLY C 50 -44.30 23.25 14.01
CA GLY C 50 -45.75 23.09 14.00
C GLY C 50 -46.51 24.38 14.18
N THR C 51 -47.34 24.74 13.21
CA THR C 51 -47.99 26.04 13.22
C THR C 51 -49.50 25.88 13.24
N GLY C 52 -50.18 27.00 13.48
CA GLY C 52 -51.63 27.09 13.34
C GLY C 52 -52.43 26.82 14.59
N ALA C 53 -51.85 26.98 15.78
CA ALA C 53 -52.53 26.64 17.02
C ALA C 53 -52.89 27.85 17.86
N GLY C 54 -52.22 28.97 17.68
CA GLY C 54 -52.44 30.12 18.53
C GLY C 54 -51.55 30.08 19.76
N GLY C 55 -51.96 30.87 20.75
CA GLY C 55 -51.32 30.90 22.04
C GLY C 55 -49.83 31.23 22.00
N PRO C 56 -49.21 31.19 23.17
CA PRO C 56 -47.75 31.33 23.24
C PRO C 56 -47.05 30.26 22.43
N THR C 57 -45.98 30.68 21.76
CA THR C 57 -45.16 29.76 20.99
C THR C 57 -44.20 29.05 21.92
N LEU C 58 -43.97 27.76 21.67
CA LEU C 58 -42.94 27.00 22.35
C LEU C 58 -41.64 27.13 21.57
N VAL C 59 -40.71 27.89 22.13
CA VAL C 59 -39.39 28.02 21.56
C VAL C 59 -38.54 26.92 22.17
N CYS C 60 -38.19 25.91 21.37
CA CYS C 60 -37.43 24.77 21.85
C CYS C 60 -35.97 24.94 21.48
N CYS C 61 -35.12 25.09 22.51
CA CYS C 61 -33.69 25.28 22.33
C CYS C 61 -33.03 23.93 22.08
N ALA C 62 -32.35 23.79 20.94
CA ALA C 62 -31.60 22.58 20.69
C ALA C 62 -30.55 22.42 21.77
N GLY C 63 -30.12 21.17 21.96
CA GLY C 63 -29.07 20.84 22.90
C GLY C 63 -27.69 20.97 22.26
N THR C 64 -26.71 20.40 22.95
CA THR C 64 -25.33 20.59 22.53
C THR C 64 -24.65 19.29 22.15
N ALA C 65 -25.40 18.20 22.07
CA ALA C 65 -24.94 16.95 21.50
C ALA C 65 -24.87 17.08 19.98
N ALA C 66 -24.19 16.13 19.33
CA ALA C 66 -23.83 16.30 17.92
C ALA C 66 -25.03 16.13 16.98
N ALA C 67 -25.88 15.12 17.23
CA ALA C 67 -27.18 14.99 16.59
C ALA C 67 -28.24 15.96 17.14
N SER C 68 -27.86 17.03 17.84
CA SER C 68 -28.84 17.99 18.29
C SER C 68 -29.27 18.89 17.11
N GLY C 69 -30.39 19.58 17.29
CA GLY C 69 -31.05 20.26 16.19
C GLY C 69 -32.55 20.07 16.22
N PRO C 70 -33.23 20.51 15.15
CA PRO C 70 -34.69 20.33 15.05
C PRO C 70 -35.19 18.90 15.30
N ARG C 71 -34.47 17.89 14.82
CA ARG C 71 -34.92 16.50 15.00
C ARG C 71 -35.22 16.16 16.46
N GLU C 72 -34.62 16.87 17.44
CA GLU C 72 -34.85 16.55 18.83
C GLU C 72 -36.31 16.66 19.18
N PHE C 73 -37.02 17.54 18.46
CA PHE C 73 -38.36 18.01 18.78
C PHE C 73 -39.40 17.61 17.75
N THR C 74 -39.04 16.77 16.77
CA THR C 74 -39.99 16.34 15.75
C THR C 74 -41.23 15.70 16.37
N ALA C 75 -41.04 14.72 17.24
CA ALA C 75 -42.19 13.98 17.76
C ALA C 75 -42.94 14.83 18.78
N PHE C 76 -42.22 15.59 19.59
CA PHE C 76 -42.83 16.58 20.47
C PHE C 76 -43.76 17.50 19.69
N ALA C 77 -43.32 17.98 18.54
CA ALA C 77 -44.13 18.94 17.81
C ALA C 77 -45.25 18.26 17.04
N ALA C 78 -44.97 17.06 16.50
CA ALA C 78 -46.05 16.30 15.87
C ALA C 78 -47.21 16.12 16.84
N ALA C 79 -46.89 15.76 18.09
CA ALA C 79 -47.88 15.50 19.11
C ALA C 79 -48.66 16.74 19.50
N LEU C 80 -48.07 17.92 19.33
CA LEU C 80 -48.71 19.17 19.72
C LEU C 80 -49.39 19.85 18.56
N ALA C 81 -49.43 19.20 17.40
CA ALA C 81 -50.15 19.73 16.25
C ALA C 81 -51.54 20.18 16.68
N GLY C 82 -51.91 21.41 16.29
CA GLY C 82 -53.17 21.98 16.72
C GLY C 82 -53.21 22.51 18.14
N LEU C 83 -52.49 21.88 19.05
CA LEU C 83 -52.57 22.28 20.46
C LEU C 83 -51.59 23.41 20.79
N ARG C 84 -50.34 23.29 20.36
CA ARG C 84 -49.36 24.34 20.62
C ARG C 84 -48.32 24.35 19.54
N ASP C 85 -47.88 25.56 19.18
CA ASP C 85 -46.93 25.76 18.09
C ASP C 85 -45.51 25.58 18.62
N VAL C 86 -44.71 24.84 17.88
CA VAL C 86 -43.34 24.54 18.30
C VAL C 86 -42.34 25.13 17.30
N THR C 87 -41.31 25.76 17.82
CA THR C 87 -40.27 26.34 16.96
C THR C 87 -38.93 26.10 17.60
N VAL C 88 -37.98 25.68 16.81
CA VAL C 88 -36.70 25.25 17.34
C VAL C 88 -35.68 26.38 17.16
N LEU C 89 -34.88 26.61 18.21
CA LEU C 89 -33.78 27.55 18.21
C LEU C 89 -32.51 26.74 18.10
N PRO C 90 -31.95 26.56 16.91
CA PRO C 90 -30.68 25.81 16.82
C PRO C 90 -29.56 26.56 17.51
N GLN C 91 -28.56 25.81 17.96
CA GLN C 91 -27.39 26.41 18.56
C GLN C 91 -26.41 26.78 17.44
N THR C 92 -26.08 28.07 17.34
CA THR C 92 -25.27 28.57 16.22
C THR C 92 -23.86 28.03 16.30
N GLY C 93 -23.36 27.54 15.18
CA GLY C 93 -22.03 26.98 15.10
C GLY C 93 -22.02 25.49 14.80
N PHE C 94 -23.17 24.82 14.90
CA PHE C 94 -23.28 23.40 14.57
C PHE C 94 -23.32 23.13 13.07
N LEU C 95 -23.82 24.07 12.26
CA LEU C 95 -23.87 23.88 10.81
C LEU C 95 -22.68 24.57 10.13
N THR C 96 -22.28 24.05 8.97
CA THR C 96 -21.14 24.61 8.24
C THR C 96 -21.45 26.04 7.81
N GLY C 97 -20.45 26.92 7.94
CA GLY C 97 -20.63 28.33 7.71
C GLY C 97 -20.88 29.14 8.96
N GLU C 98 -21.33 28.50 10.03
CA GLU C 98 -21.66 29.18 11.27
C GLU C 98 -20.43 29.26 12.14
N PRO C 99 -20.12 30.41 12.71
CA PRO C 99 -19.06 30.49 13.71
C PRO C 99 -19.58 30.15 15.09
N LEU C 100 -18.67 29.82 15.96
CA LEU C 100 -19.01 29.58 17.36
C LEU C 100 -19.12 30.90 18.11
N PRO C 101 -19.91 30.96 19.18
CA PRO C 101 -19.84 32.13 20.07
C PRO C 101 -18.53 32.10 20.84
N ALA C 102 -17.89 33.27 20.93
CA ALA C 102 -16.67 33.38 21.72
C ALA C 102 -16.96 33.13 23.21
N GLY C 103 -18.13 33.54 23.67
CA GLY C 103 -18.56 33.20 25.01
C GLY C 103 -20.04 32.96 25.04
N LEU C 104 -20.51 32.47 26.19
CA LEU C 104 -21.92 32.18 26.35
C LEU C 104 -22.77 33.43 26.23
N ASP C 105 -22.29 34.53 26.82
CA ASP C 105 -23.09 35.76 26.89
C ASP C 105 -23.34 36.32 25.49
N VAL C 106 -22.35 36.20 24.61
CA VAL C 106 -22.52 36.58 23.22
C VAL C 106 -23.65 35.77 22.58
N LEU C 107 -23.63 34.44 22.80
CA LEU C 107 -24.70 33.58 22.27
C LEU C 107 -26.05 33.98 22.82
N LEU C 108 -26.17 34.06 24.15
CA LEU C 108 -27.48 34.34 24.75
C LEU C 108 -28.06 35.67 24.29
N ASP C 109 -27.23 36.72 24.22
CA ASP C 109 -27.68 37.99 23.67
C ASP C 109 -28.16 37.83 22.23
N ALA C 110 -27.35 37.18 21.39
CA ALA C 110 -27.79 36.95 20.02
C ALA C 110 -29.06 36.10 19.97
N GLN C 111 -29.21 35.15 20.90
CA GLN C 111 -30.46 34.39 20.93
C GLN C 111 -31.59 35.24 21.50
N ALA C 112 -31.34 36.00 22.57
CA ALA C 112 -32.37 36.91 23.07
C ALA C 112 -32.93 37.76 21.93
N ASP C 113 -32.04 38.45 21.22
CA ASP C 113 -32.44 39.25 20.06
C ASP C 113 -33.31 38.45 19.09
N ALA C 114 -32.87 37.25 18.67
CA ALA C 114 -33.61 36.49 17.67
C ALA C 114 -34.99 36.07 18.19
N VAL C 115 -35.07 35.60 19.43
CA VAL C 115 -36.37 35.20 19.97
C VAL C 115 -37.32 36.39 19.99
N LEU C 116 -36.90 37.49 20.61
CA LEU C 116 -37.78 38.65 20.77
C LEU C 116 -38.30 39.14 19.42
N ALA C 117 -37.41 39.27 18.44
CA ALA C 117 -37.85 39.63 17.09
C ALA C 117 -38.88 38.64 16.57
N HIS C 118 -38.59 37.34 16.67
CA HIS C 118 -39.49 36.33 16.12
C HIS C 118 -40.89 36.43 16.73
N CYS C 119 -40.96 36.66 18.03
CA CYS C 119 -42.26 36.61 18.69
C CYS C 119 -43.06 37.90 18.55
N ALA C 120 -42.42 39.01 18.20
CA ALA C 120 -43.10 40.29 17.97
C ALA C 120 -44.08 40.60 19.10
N GLY C 121 -43.50 40.80 20.28
CA GLY C 121 -44.26 41.15 21.46
C GLY C 121 -45.13 40.04 22.02
N ARG C 122 -45.54 39.10 21.18
CA ARG C 122 -46.45 38.04 21.61
C ARG C 122 -45.76 37.09 22.60
N PRO C 123 -46.52 36.49 23.52
CA PRO C 123 -45.89 35.71 24.59
C PRO C 123 -45.37 34.37 24.10
N PHE C 124 -44.35 33.87 24.80
CA PHE C 124 -43.71 32.63 24.37
C PHE C 124 -43.23 31.84 25.58
N VAL C 125 -42.86 30.59 25.33
CA VAL C 125 -42.36 29.66 26.34
C VAL C 125 -41.03 29.09 25.85
N LEU C 126 -40.01 29.11 26.72
CA LEU C 126 -38.75 28.44 26.39
C LEU C 126 -38.79 26.97 26.84
N VAL C 127 -38.13 26.11 26.05
CA VAL C 127 -38.17 24.66 26.24
C VAL C 127 -36.79 24.08 25.90
N GLY C 128 -36.32 23.14 26.71
CA GLY C 128 -35.09 22.43 26.42
C GLY C 128 -35.14 20.99 26.91
N HIS C 129 -34.31 20.14 26.27
CA HIS C 129 -34.06 18.77 26.69
C HIS C 129 -32.56 18.54 26.85
N SER C 130 -32.18 17.75 27.87
CA SER C 130 -30.81 17.62 28.40
C SER C 130 -30.05 18.94 28.35
N ALA C 131 -28.92 18.97 27.64
CA ALA C 131 -28.10 20.19 27.63
C ALA C 131 -28.90 21.37 27.09
N GLY C 132 -29.88 21.10 26.23
CA GLY C 132 -30.74 22.16 25.76
C GLY C 132 -31.57 22.77 26.86
N ALA C 133 -31.89 21.98 27.90
CA ALA C 133 -32.59 22.55 29.04
C ALA C 133 -31.68 23.52 29.80
N ASN C 134 -30.40 23.19 29.96
CA ASN C 134 -29.45 24.19 30.45
C ASN C 134 -29.42 25.43 29.55
N MET C 135 -29.39 25.23 28.22
CA MET C 135 -29.42 26.34 27.27
C MET C 135 -30.71 27.14 27.39
N ALA C 136 -31.85 26.45 27.38
CA ALA C 136 -33.14 27.12 27.63
C ALA C 136 -33.10 27.92 28.92
N HIS C 137 -32.51 27.34 29.96
CA HIS C 137 -32.53 27.98 31.28
C HIS C 137 -31.66 29.23 31.27
N ALA C 138 -30.43 29.13 30.73
CA ALA C 138 -29.53 30.29 30.69
C ALA C 138 -30.05 31.39 29.78
N LEU C 139 -30.78 31.03 28.71
CA LEU C 139 -31.40 32.04 27.86
C LEU C 139 -32.54 32.72 28.58
N THR C 140 -33.29 31.98 29.42
CA THR C 140 -34.33 32.61 30.21
C THR C 140 -33.75 33.68 31.13
N VAL C 141 -32.66 33.33 31.83
CA VAL C 141 -31.98 34.30 32.72
C VAL C 141 -31.59 35.55 31.94
N ARG C 142 -30.90 35.37 30.81
CA ARG C 142 -30.47 36.51 29.99
C ARG C 142 -31.65 37.37 29.55
N LEU C 143 -32.76 36.74 29.18
CA LEU C 143 -33.94 37.50 28.74
C LEU C 143 -34.58 38.24 29.89
N GLU C 144 -34.59 37.64 31.08
CA GLU C 144 -35.20 38.35 32.20
C GLU C 144 -34.30 39.42 32.77
N ALA C 145 -32.99 39.34 32.53
CA ALA C 145 -32.12 40.47 32.82
C ALA C 145 -32.41 41.65 31.90
N ARG C 146 -32.88 41.39 30.69
CA ARG C 146 -33.38 42.41 29.80
C ARG C 146 -34.81 42.81 30.14
N GLY C 147 -35.30 42.40 31.31
CA GLY C 147 -36.66 42.66 31.67
C GLY C 147 -37.67 42.15 30.66
N ALA C 148 -37.29 41.14 29.87
CA ALA C 148 -38.26 40.41 29.06
C ALA C 148 -38.80 39.23 29.85
N ASP C 149 -40.08 38.94 29.68
CA ASP C 149 -40.80 37.98 30.51
C ASP C 149 -41.24 36.76 29.70
N PRO C 150 -40.36 35.78 29.51
CA PRO C 150 -40.81 34.48 29.01
C PRO C 150 -41.96 34.00 29.87
N ALA C 151 -43.02 33.53 29.23
CA ALA C 151 -44.22 33.16 29.97
C ALA C 151 -44.00 31.94 30.85
N ALA C 152 -43.08 31.04 30.48
CA ALA C 152 -42.80 29.82 31.24
C ALA C 152 -41.52 29.17 30.71
N LEU C 153 -40.97 28.29 31.53
CA LEU C 153 -39.74 27.56 31.21
C LEU C 153 -39.99 26.07 31.41
N VAL C 154 -39.69 25.25 30.40
CA VAL C 154 -39.90 23.82 30.50
C VAL C 154 -38.55 23.13 30.35
N LEU C 155 -38.13 22.43 31.40
CA LEU C 155 -36.84 21.75 31.47
C LEU C 155 -37.09 20.24 31.52
N MET C 156 -36.53 19.52 30.56
CA MET C 156 -36.78 18.10 30.40
C MET C 156 -35.47 17.35 30.57
N ASP C 157 -35.40 16.52 31.61
CA ASP C 157 -34.24 15.71 31.92
C ASP C 157 -32.97 16.55 32.00
N ILE C 158 -33.08 17.70 32.65
CA ILE C 158 -31.91 18.55 32.87
C ILE C 158 -30.99 17.88 33.88
N TYR C 159 -29.69 18.00 33.65
CA TYR C 159 -28.70 17.59 34.63
C TYR C 159 -27.67 18.72 34.72
N THR C 160 -26.89 18.69 35.79
CA THR C 160 -25.78 19.64 35.91
C THR C 160 -24.49 18.97 35.41
N PRO C 161 -23.63 19.64 34.65
CA PRO C 161 -22.32 19.04 34.32
C PRO C 161 -21.58 18.61 35.59
N ALA C 162 -20.71 17.62 35.44
CA ALA C 162 -19.99 16.96 36.55
C ALA C 162 -20.91 16.25 37.56
N GLY C 168 -21.36 12.03 36.98
CA GLY C 168 -20.44 12.31 35.89
C GLY C 168 -20.34 11.17 34.90
N VAL C 169 -20.75 9.98 35.35
CA VAL C 169 -20.70 8.79 34.51
C VAL C 169 -21.89 8.72 33.55
N TRP C 170 -23.01 9.38 33.86
CA TRP C 170 -24.14 9.28 32.95
C TRP C 170 -23.87 9.98 31.63
N ARG C 171 -23.13 11.10 31.64
CA ARG C 171 -22.75 11.75 30.39
C ARG C 171 -22.08 10.77 29.43
N GLU C 172 -21.10 10.01 29.94
CA GLU C 172 -20.47 8.96 29.14
C GLU C 172 -21.43 7.82 28.85
N GLU C 173 -22.36 7.55 29.77
CA GLU C 173 -23.43 6.58 29.52
C GLU C 173 -24.43 7.13 28.50
N MET C 174 -24.98 8.32 28.76
CA MET C 174 -25.93 8.93 27.84
C MET C 174 -25.38 8.96 26.41
N LEU C 175 -24.23 9.63 26.23
CA LEU C 175 -23.71 9.81 24.89
C LEU C 175 -23.30 8.48 24.24
N ALA C 176 -22.98 7.47 25.04
CA ALA C 176 -22.79 6.13 24.50
C ALA C 176 -24.08 5.60 23.86
N TRP C 177 -25.23 5.79 24.52
CA TRP C 177 -26.48 5.27 23.99
C TRP C 177 -26.98 6.05 22.77
N VAL C 178 -26.58 7.31 22.59
CA VAL C 178 -26.98 8.01 21.37
C VAL C 178 -26.46 7.29 20.14
N ALA C 179 -25.25 6.71 20.22
CA ALA C 179 -24.60 6.14 19.05
C ALA C 179 -25.30 4.87 18.59
N GLU C 180 -26.59 4.99 18.29
CA GLU C 180 -27.41 3.89 17.78
C GLU C 180 -28.22 4.34 16.57
N VAL C 184 -26.36 7.89 12.23
CA VAL C 184 -26.78 9.27 12.44
C VAL C 184 -25.73 10.24 11.87
N PRO C 185 -26.19 11.18 11.02
CA PRO C 185 -25.23 12.08 10.33
C PRO C 185 -24.43 12.95 11.28
N VAL C 186 -23.14 13.11 10.97
CA VAL C 186 -22.19 13.72 11.90
C VAL C 186 -20.95 14.16 11.11
N ASP C 187 -20.46 15.34 11.44
CA ASP C 187 -19.33 15.91 10.72
C ASP C 187 -18.44 16.70 11.66
N ASP C 188 -17.28 17.13 11.14
CA ASP C 188 -16.29 17.83 11.96
C ASP C 188 -16.88 19.07 12.61
N THR C 189 -17.73 19.82 11.90
CA THR C 189 -18.30 21.03 12.49
C THR C 189 -19.17 20.73 13.72
N ARG C 190 -20.09 19.78 13.58
CA ARG C 190 -20.95 19.42 14.71
C ARG C 190 -20.13 18.86 15.86
N LEU C 191 -19.14 18.04 15.54
CA LEU C 191 -18.31 17.48 16.57
C LEU C 191 -17.53 18.55 17.31
N THR C 192 -16.98 19.57 16.59
CA THR C 192 -16.20 20.59 17.28
C THR C 192 -17.12 21.52 18.05
N ALA C 193 -18.29 21.82 17.48
CA ALA C 193 -19.29 22.58 18.25
C ALA C 193 -19.58 21.91 19.58
N MET C 194 -19.87 20.60 19.54
CA MET C 194 -20.13 19.87 20.77
C MET C 194 -19.02 20.11 21.77
N GLY C 195 -17.78 19.97 21.33
CA GLY C 195 -16.65 20.26 22.20
C GLY C 195 -16.65 21.68 22.73
N ALA C 196 -16.97 22.66 21.87
CA ALA C 196 -16.99 24.06 22.30
C ALA C 196 -18.15 24.32 23.26
N TYR C 197 -19.36 23.80 22.96
CA TYR C 197 -20.48 24.07 23.86
C TYR C 197 -20.33 23.37 25.20
N HIS C 198 -19.58 22.27 25.24
CA HIS C 198 -19.26 21.67 26.52
C HIS C 198 -18.51 22.66 27.40
N ARG C 199 -17.49 23.32 26.84
CA ARG C 199 -16.74 24.29 27.64
C ARG C 199 -17.62 25.44 28.09
N LEU C 200 -18.54 25.87 27.24
CA LEU C 200 -19.43 26.96 27.59
C LEU C 200 -20.31 26.66 28.80
N LEU C 201 -20.49 25.38 29.16
CA LEU C 201 -21.47 24.99 30.17
C LEU C 201 -20.84 24.45 31.43
N LEU C 202 -19.52 24.40 31.52
CA LEU C 202 -18.81 23.89 32.67
C LEU C 202 -19.08 24.70 33.95
N ASP C 203 -19.47 25.96 33.84
CA ASP C 203 -19.75 26.76 35.03
C ASP C 203 -21.25 26.93 35.28
N TRP C 204 -22.09 26.07 34.70
CA TRP C 204 -23.51 26.36 34.65
C TRP C 204 -24.18 26.10 35.99
N ALA C 205 -25.17 26.93 36.31
CA ALA C 205 -25.82 26.98 37.61
C ALA C 205 -27.32 27.17 37.46
N PRO C 206 -28.12 26.55 38.33
CA PRO C 206 -29.60 26.64 38.22
C PRO C 206 -30.20 27.85 38.93
N ARG C 207 -29.87 29.04 38.43
CA ARG C 207 -30.34 30.29 39.03
C ARG C 207 -31.87 30.30 39.08
N PRO C 208 -32.45 30.89 40.12
CA PRO C 208 -33.91 31.09 40.12
C PRO C 208 -34.33 32.04 39.00
N THR C 209 -35.59 31.89 38.57
CA THR C 209 -36.11 32.65 37.45
C THR C 209 -37.54 33.10 37.74
N ARG C 210 -37.89 34.31 37.29
CA ARG C 210 -39.28 34.76 37.43
C ARG C 210 -40.24 33.83 36.71
N ALA C 211 -39.82 33.28 35.58
CA ALA C 211 -40.67 32.39 34.81
C ALA C 211 -41.03 31.15 35.62
N PRO C 212 -42.29 30.72 35.64
CA PRO C 212 -42.65 29.44 36.26
C PRO C 212 -42.02 28.27 35.50
N VAL C 213 -41.27 27.43 36.23
CA VAL C 213 -40.53 26.30 35.66
C VAL C 213 -41.34 25.01 35.77
N LEU C 214 -41.53 24.33 34.64
CA LEU C 214 -42.01 22.96 34.62
C LEU C 214 -40.82 22.04 34.37
N HIS C 215 -40.58 21.11 35.30
CA HIS C 215 -39.45 20.18 35.22
C HIS C 215 -39.98 18.76 34.98
N LEU C 216 -39.70 18.22 33.81
CA LEU C 216 -40.07 16.85 33.49
C LEU C 216 -38.84 15.97 33.58
N TYR C 217 -39.02 14.77 34.12
CA TYR C 217 -37.91 13.85 34.33
C TYR C 217 -38.31 12.46 33.85
N ALA C 218 -37.34 11.77 33.25
CA ALA C 218 -37.58 10.42 32.72
C ALA C 218 -37.85 9.45 33.85
N GLY C 219 -38.78 8.52 33.61
CA GLY C 219 -39.14 7.56 34.63
C GLY C 219 -38.10 6.47 34.86
N GLU C 220 -37.30 6.15 33.84
CA GLU C 220 -36.42 4.99 33.85
C GLU C 220 -35.02 5.36 33.43
N PRO C 221 -34.01 4.66 33.93
CA PRO C 221 -32.64 4.89 33.46
C PRO C 221 -32.46 4.38 32.05
N ALA C 222 -31.47 4.96 31.36
CA ALA C 222 -31.09 4.53 30.03
C ALA C 222 -30.07 3.39 30.03
N GLY C 223 -29.48 3.09 31.17
CA GLY C 223 -28.56 1.96 31.30
C GLY C 223 -28.58 1.45 32.72
N ALA C 224 -27.48 0.85 33.16
CA ALA C 224 -27.40 0.34 34.53
C ALA C 224 -26.23 0.92 35.32
N ASP C 231 -29.04 7.96 42.96
CA ASP C 231 -30.14 8.07 42.01
C ASP C 231 -29.76 8.88 40.76
N TRP C 232 -30.02 8.24 39.61
CA TRP C 232 -29.80 8.74 38.26
C TRP C 232 -30.82 9.78 37.83
N ARG C 233 -31.88 10.01 38.62
CA ARG C 233 -33.00 10.79 38.11
C ARG C 233 -32.62 12.25 37.93
N SER C 234 -33.49 12.95 37.21
CA SER C 234 -33.39 14.39 37.00
C SER C 234 -34.31 15.06 38.01
N ARG C 235 -33.75 15.96 38.81
CA ARG C 235 -34.53 16.73 39.77
C ARG C 235 -34.10 18.19 39.71
N PHE C 236 -35.06 19.07 39.98
CA PHE C 236 -34.82 20.51 39.86
C PHE C 236 -35.48 21.24 41.03
N ASP C 237 -34.67 21.74 41.94
CA ASP C 237 -35.15 22.63 42.99
C ASP C 237 -35.72 23.91 42.39
N GLY C 238 -36.73 24.46 43.05
CA GLY C 238 -37.31 25.71 42.59
C GLY C 238 -38.28 25.58 41.44
N ALA C 239 -38.61 24.37 41.03
CA ALA C 239 -39.56 24.17 39.95
C ALA C 239 -40.96 24.38 40.48
N HIS C 240 -41.77 25.13 39.72
CA HIS C 240 -43.19 25.23 40.04
C HIS C 240 -43.82 23.84 40.10
N THR C 241 -43.38 22.93 39.25
CA THR C 241 -43.98 21.62 39.15
C THR C 241 -42.93 20.64 38.64
N SER C 242 -42.95 19.44 39.20
CA SER C 242 -42.03 18.38 38.85
C SER C 242 -42.87 17.14 38.59
N ALA C 243 -42.84 16.65 37.37
CA ALA C 243 -43.62 15.48 36.99
C ALA C 243 -42.75 14.49 36.24
N GLU C 244 -42.98 13.21 36.53
CA GLU C 244 -42.31 12.15 35.79
C GLU C 244 -43.10 11.86 34.51
N VAL C 245 -42.37 11.40 33.50
CA VAL C 245 -43.01 10.96 32.27
C VAL C 245 -42.47 9.57 31.97
N PRO C 246 -43.24 8.72 31.30
CA PRO C 246 -42.73 7.42 30.90
C PRO C 246 -41.50 7.55 30.02
N GLY C 247 -40.62 6.57 30.13
CA GLY C 247 -39.51 6.43 29.21
C GLY C 247 -38.18 6.78 29.87
N THR C 248 -37.16 6.77 29.04
CA THR C 248 -35.81 7.11 29.43
C THR C 248 -35.46 8.52 28.95
N HIS C 249 -34.31 9.00 29.43
CA HIS C 249 -33.69 10.22 28.91
C HIS C 249 -33.98 10.41 27.42
N PHE C 250 -33.77 9.36 26.61
CA PHE C 250 -34.02 9.49 25.17
C PHE C 250 -35.47 9.23 24.78
N SER C 251 -36.14 8.23 25.39
CA SER C 251 -37.43 7.83 24.84
C SER C 251 -38.58 8.76 25.26
N MET C 252 -38.45 9.49 26.37
CA MET C 252 -39.48 10.47 26.70
C MET C 252 -39.75 11.47 25.56
N MET C 253 -38.76 11.74 24.68
CA MET C 253 -38.94 12.60 23.51
C MET C 253 -39.22 11.85 22.19
N THR C 254 -39.32 10.53 22.21
CA THR C 254 -39.63 9.80 20.97
C THR C 254 -40.88 8.94 21.13
N GLU C 255 -40.73 7.70 21.60
CA GLU C 255 -41.88 6.79 21.72
C GLU C 255 -42.95 7.37 22.65
N HIS C 256 -42.55 7.84 23.83
CA HIS C 256 -43.46 8.45 24.80
C HIS C 256 -43.61 9.96 24.62
N ALA C 257 -43.33 10.48 23.41
CA ALA C 257 -43.50 11.90 23.18
C ALA C 257 -44.93 12.40 23.31
N PRO C 258 -45.99 11.63 23.03
CA PRO C 258 -47.33 12.19 23.25
C PRO C 258 -47.66 12.40 24.72
N VAL C 259 -47.09 11.61 25.63
CA VAL C 259 -47.32 11.83 27.05
C VAL C 259 -46.63 13.11 27.50
N THR C 260 -45.34 13.22 27.17
CA THR C 260 -44.58 14.44 27.43
C THR C 260 -45.30 15.65 26.86
N ALA C 261 -45.75 15.56 25.61
CA ALA C 261 -46.52 16.65 25.02
C ALA C 261 -47.77 16.95 25.82
N ALA C 262 -48.60 15.91 26.06
CA ALA C 262 -49.83 16.07 26.83
C ALA C 262 -49.54 16.72 28.19
N THR C 263 -48.59 16.16 28.93
CA THR C 263 -48.14 16.76 30.19
C THR C 263 -47.85 18.26 30.04
N VAL C 264 -46.99 18.63 29.08
CA VAL C 264 -46.65 20.04 28.92
C VAL C 264 -47.87 20.85 28.53
N HIS C 265 -48.72 20.30 27.66
CA HIS C 265 -49.88 21.05 27.18
C HIS C 265 -50.80 21.45 28.32
N LYS C 266 -51.17 20.51 29.18
CA LYS C 266 -52.10 20.83 30.25
C LYS C 266 -51.45 21.65 31.35
N TRP C 267 -50.16 21.45 31.65
CA TRP C 267 -49.53 22.27 32.66
C TRP C 267 -49.50 23.74 32.27
N LEU C 268 -49.39 24.05 30.96
CA LEU C 268 -49.44 25.45 30.53
C LEU C 268 -50.84 26.03 30.58
N ASP C 269 -51.88 25.18 30.67
CA ASP C 269 -53.24 25.66 30.80
C ASP C 269 -53.64 25.92 32.25
N GLU C 270 -52.68 25.88 33.18
CA GLU C 270 -52.91 26.12 34.60
C GLU C 270 -52.09 27.27 35.15
N VAL C 271 -50.81 27.36 34.80
CA VAL C 271 -50.03 28.52 35.21
C VAL C 271 -50.12 29.65 34.18
N GLY D 1 6.74 -16.14 -2.90
CA GLY D 1 7.49 -16.77 -3.98
C GLY D 1 7.88 -15.84 -5.11
N SER D 2 8.79 -16.30 -5.98
CA SER D 2 9.19 -15.57 -7.18
C SER D 2 8.05 -15.59 -8.21
N ALA D 3 8.16 -14.74 -9.25
CA ALA D 3 7.08 -14.68 -10.23
C ALA D 3 6.93 -15.97 -11.03
N LEU D 4 7.99 -16.78 -11.11
CA LEU D 4 7.84 -18.04 -11.81
C LEU D 4 7.12 -19.06 -10.93
N VAL D 5 7.38 -18.98 -9.63
CA VAL D 5 6.74 -19.86 -8.66
C VAL D 5 5.24 -19.58 -8.63
N GLU D 6 4.87 -18.32 -8.47
CA GLU D 6 3.45 -17.98 -8.53
C GLU D 6 2.87 -18.28 -9.91
N MET D 7 3.65 -18.12 -10.96
CA MET D 7 3.14 -18.49 -12.25
C MET D 7 2.72 -19.96 -12.24
N TYR D 8 3.64 -20.82 -11.81
CA TYR D 8 3.41 -22.25 -11.98
C TYR D 8 2.25 -22.74 -11.13
N ARG D 9 2.05 -22.17 -9.94
CA ARG D 9 0.95 -22.63 -9.11
C ARG D 9 -0.38 -22.06 -9.59
N ARG D 10 -0.45 -20.77 -9.91
CA ARG D 10 -1.64 -20.25 -10.56
C ARG D 10 -1.92 -21.01 -11.85
N ALA D 11 -0.89 -21.58 -12.48
CA ALA D 11 -1.09 -22.24 -13.76
C ALA D 11 -1.76 -23.59 -13.59
N VAL D 12 -1.38 -24.34 -12.56
CA VAL D 12 -1.96 -25.66 -12.39
C VAL D 12 -3.40 -25.54 -11.87
N ALA D 13 -3.64 -24.60 -10.95
CA ALA D 13 -4.99 -24.40 -10.44
C ALA D 13 -5.94 -23.91 -11.52
N THR D 14 -5.42 -23.40 -12.63
CA THR D 14 -6.27 -22.80 -13.66
C THR D 14 -6.12 -23.54 -14.99
N GLY D 15 -5.56 -24.75 -14.96
CA GLY D 15 -5.45 -25.56 -16.16
C GLY D 15 -4.56 -24.98 -17.22
N ARG D 16 -3.57 -24.18 -16.82
CA ARG D 16 -2.67 -23.51 -17.74
C ARG D 16 -1.25 -24.04 -17.63
N ALA D 17 -1.11 -25.25 -17.08
CA ALA D 17 0.21 -25.79 -16.79
C ALA D 17 1.03 -25.97 -18.06
N ALA D 18 0.39 -26.40 -19.14
CA ALA D 18 1.12 -26.57 -20.38
C ALA D 18 1.69 -25.25 -20.88
N GLU D 19 0.91 -24.17 -20.80
CA GLU D 19 1.44 -22.88 -21.21
C GLU D 19 2.62 -22.47 -20.33
N ALA D 20 2.51 -22.74 -19.02
CA ALA D 20 3.60 -22.37 -18.12
C ALA D 20 4.87 -23.17 -18.41
N VAL D 21 4.74 -24.45 -18.73
CA VAL D 21 5.93 -25.24 -19.02
C VAL D 21 6.67 -24.65 -20.22
N GLU D 22 5.91 -24.19 -21.22
CA GLU D 22 6.50 -23.61 -22.41
C GLU D 22 7.26 -22.33 -22.09
N VAL D 23 6.58 -21.39 -21.41
CA VAL D 23 7.22 -20.19 -20.88
C VAL D 23 8.53 -20.53 -20.21
N LEU D 24 8.51 -21.56 -19.36
CA LEU D 24 9.67 -21.89 -18.55
C LEU D 24 10.82 -22.40 -19.41
N GLY D 25 10.51 -23.21 -20.43
CA GLY D 25 11.55 -23.59 -21.38
C GLY D 25 12.20 -22.38 -22.02
N THR D 26 11.40 -21.36 -22.35
CA THR D 26 11.99 -20.19 -22.99
C THR D 26 12.95 -19.49 -22.05
N VAL D 27 12.51 -19.27 -20.81
CA VAL D 27 13.40 -18.69 -19.80
C VAL D 27 14.64 -19.56 -19.60
N ALA D 28 14.49 -20.88 -19.65
CA ALA D 28 15.62 -21.78 -19.43
C ALA D 28 16.76 -21.54 -20.42
N THR D 29 16.44 -21.09 -21.64
CA THR D 29 17.48 -20.85 -22.65
C THR D 29 18.44 -19.74 -22.25
N PHE D 30 18.11 -18.94 -21.25
CA PHE D 30 18.98 -17.86 -20.79
C PHE D 30 19.93 -18.27 -19.69
N ARG D 31 19.90 -19.48 -19.26
CA ARG D 31 20.65 -20.09 -18.18
C ARG D 31 21.94 -20.69 -18.71
N PRO D 32 23.00 -20.73 -17.90
CA PRO D 32 24.25 -21.38 -18.34
C PRO D 32 24.02 -22.85 -18.70
N VAL D 33 24.66 -23.30 -19.78
CA VAL D 33 24.59 -24.70 -20.18
C VAL D 33 25.99 -25.31 -20.15
N PHE D 34 26.04 -26.63 -20.15
CA PHE D 34 27.26 -27.35 -20.46
C PHE D 34 27.12 -28.02 -21.82
N ARG D 35 28.12 -27.81 -22.69
CA ARG D 35 28.09 -28.23 -24.08
C ARG D 35 28.78 -29.56 -24.33
N SER D 36 29.60 -30.02 -23.39
CA SER D 36 30.31 -31.28 -23.52
C SER D 36 30.46 -31.85 -22.12
N PRO D 37 30.51 -33.17 -21.99
CA PRO D 37 30.57 -33.77 -20.64
C PRO D 37 31.78 -33.33 -19.82
N ASP D 38 32.77 -32.66 -20.41
CA ASP D 38 33.89 -32.18 -19.61
C ASP D 38 33.68 -30.77 -19.07
N GLU D 39 32.87 -29.96 -19.75
CA GLU D 39 32.47 -28.68 -19.17
C GLU D 39 31.70 -28.86 -17.87
N LEU D 40 31.17 -30.05 -17.60
CA LEU D 40 30.23 -30.20 -16.50
C LEU D 40 30.88 -29.92 -15.15
N GLY D 41 32.13 -30.29 -14.97
CA GLY D 41 32.75 -30.07 -13.68
C GLY D 41 32.73 -31.34 -12.86
N GLU D 42 31.64 -31.61 -12.16
CA GLU D 42 31.52 -32.93 -11.61
C GLU D 42 30.41 -33.69 -12.32
N PRO D 43 30.67 -34.92 -12.72
CA PRO D 43 29.68 -35.71 -13.45
C PRO D 43 28.45 -35.98 -12.58
N PRO D 44 27.31 -36.28 -13.19
CA PRO D 44 26.08 -36.50 -12.42
C PRO D 44 26.29 -37.50 -11.30
N ALA D 45 25.95 -37.11 -10.07
CA ALA D 45 26.10 -38.00 -8.93
C ALA D 45 24.93 -38.97 -8.85
N LEU D 46 25.22 -40.19 -8.37
CA LEU D 46 24.24 -41.27 -8.28
C LEU D 46 23.91 -41.51 -6.81
N VAL D 47 22.63 -41.44 -6.46
CA VAL D 47 22.20 -41.50 -5.06
C VAL D 47 21.73 -42.92 -4.75
N PRO D 48 22.49 -43.72 -3.99
CA PRO D 48 21.98 -45.02 -3.57
C PRO D 48 20.76 -44.85 -2.68
N LEU D 49 19.79 -45.76 -2.85
CA LEU D 49 18.64 -45.79 -1.94
C LEU D 49 18.46 -47.11 -1.22
N GLY D 50 18.92 -48.21 -1.78
CA GLY D 50 18.89 -49.48 -1.09
C GLY D 50 20.07 -50.30 -1.50
N THR D 51 20.92 -50.65 -0.54
CA THR D 51 22.13 -51.38 -0.86
C THR D 51 22.17 -52.67 -0.04
N GLY D 52 22.91 -53.64 -0.57
CA GLY D 52 23.15 -54.90 0.12
C GLY D 52 22.54 -56.11 -0.54
N ALA D 53 21.77 -55.95 -1.62
CA ALA D 53 21.08 -57.07 -2.24
C ALA D 53 21.91 -57.81 -3.28
N GLY D 54 23.01 -57.23 -3.74
CA GLY D 54 23.80 -57.89 -4.77
C GLY D 54 23.01 -58.03 -6.05
N GLY D 55 23.66 -58.61 -7.04
CA GLY D 55 23.12 -58.62 -8.37
C GLY D 55 23.20 -57.25 -9.00
N PRO D 56 22.76 -57.14 -10.25
CA PRO D 56 22.83 -55.85 -10.95
C PRO D 56 22.00 -54.79 -10.24
N THR D 57 22.61 -53.64 -9.97
CA THR D 57 21.83 -52.60 -9.32
C THR D 57 20.82 -52.02 -10.32
N LEU D 58 19.65 -51.66 -9.78
CA LEU D 58 18.62 -50.97 -10.56
C LEU D 58 18.94 -49.48 -10.60
N VAL D 59 19.39 -49.00 -11.74
CA VAL D 59 19.74 -47.60 -11.91
C VAL D 59 18.49 -46.86 -12.35
N CYS D 60 17.91 -46.08 -11.44
CA CYS D 60 16.63 -45.44 -11.66
C CYS D 60 16.87 -43.98 -12.06
N CYS D 61 16.51 -43.65 -13.28
CA CYS D 61 16.63 -42.29 -13.77
C CYS D 61 15.50 -41.46 -13.22
N ALA D 62 15.83 -40.27 -12.70
CA ALA D 62 14.79 -39.35 -12.26
C ALA D 62 13.99 -38.89 -13.47
N GLY D 63 12.75 -38.48 -13.20
CA GLY D 63 11.92 -37.87 -14.20
C GLY D 63 12.23 -36.39 -14.37
N THR D 64 11.29 -35.69 -14.98
CA THR D 64 11.54 -34.29 -15.34
C THR D 64 10.54 -33.30 -14.74
N ALA D 65 9.72 -33.72 -13.77
CA ALA D 65 8.69 -32.86 -13.25
C ALA D 65 9.23 -32.04 -12.08
N ALA D 66 8.33 -31.33 -11.39
CA ALA D 66 8.70 -30.49 -10.24
C ALA D 66 9.36 -31.30 -9.13
N ALA D 67 8.67 -32.33 -8.64
CA ALA D 67 9.17 -33.17 -7.56
C ALA D 67 9.90 -34.39 -8.07
N SER D 68 10.73 -34.24 -9.10
CA SER D 68 11.50 -35.36 -9.58
C SER D 68 12.87 -35.39 -8.93
N GLY D 69 13.46 -36.58 -8.89
CA GLY D 69 14.65 -36.82 -8.11
C GLY D 69 14.49 -38.10 -7.32
N PRO D 70 15.29 -38.25 -6.28
CA PRO D 70 15.29 -39.50 -5.53
C PRO D 70 13.96 -39.85 -4.85
N ARG D 71 13.12 -38.87 -4.49
CA ARG D 71 11.86 -39.21 -3.81
C ARG D 71 10.95 -40.09 -4.65
N GLU D 72 11.05 -40.01 -5.99
CA GLU D 72 10.19 -40.82 -6.85
C GLU D 72 10.29 -42.31 -6.54
N PHE D 73 11.45 -42.76 -6.05
CA PHE D 73 11.80 -44.17 -5.91
C PHE D 73 11.98 -44.59 -4.46
N THR D 74 11.57 -43.76 -3.50
CA THR D 74 11.63 -44.12 -2.08
C THR D 74 10.90 -45.42 -1.78
N ALA D 75 9.64 -45.52 -2.21
CA ALA D 75 8.83 -46.67 -1.85
C ALA D 75 9.27 -47.89 -2.64
N PHE D 76 9.44 -47.73 -3.96
CA PHE D 76 10.06 -48.74 -4.82
C PHE D 76 11.31 -49.33 -4.16
N ALA D 77 12.20 -48.46 -3.68
CA ALA D 77 13.46 -48.94 -3.11
C ALA D 77 13.26 -49.61 -1.75
N ALA D 78 12.40 -49.02 -0.90
CA ALA D 78 12.10 -49.68 0.37
C ALA D 78 11.55 -51.07 0.14
N ALA D 79 10.70 -51.24 -0.88
CA ALA D 79 10.07 -52.53 -1.12
C ALA D 79 11.02 -53.53 -1.76
N LEU D 80 12.09 -53.07 -2.38
CA LEU D 80 13.09 -53.99 -2.91
C LEU D 80 14.22 -54.24 -1.93
N ALA D 81 14.07 -53.78 -0.69
CA ALA D 81 15.10 -53.96 0.33
C ALA D 81 15.54 -55.39 0.42
N GLY D 82 16.82 -55.63 0.17
CA GLY D 82 17.32 -56.98 0.25
C GLY D 82 16.94 -57.87 -0.90
N LEU D 83 16.40 -57.31 -1.97
CA LEU D 83 16.10 -58.06 -3.19
C LEU D 83 16.82 -57.46 -4.39
N ARG D 84 16.72 -56.15 -4.58
CA ARG D 84 17.47 -55.43 -5.60
C ARG D 84 18.03 -54.15 -5.02
N ASP D 85 19.25 -53.80 -5.46
CA ASP D 85 19.84 -52.52 -5.13
C ASP D 85 19.28 -51.45 -6.05
N VAL D 86 18.89 -50.32 -5.47
CA VAL D 86 18.28 -49.23 -6.22
C VAL D 86 19.12 -47.97 -6.01
N THR D 87 19.40 -47.28 -7.08
CA THR D 87 20.29 -46.14 -7.07
C THR D 87 19.72 -45.19 -8.10
N VAL D 88 19.62 -43.95 -7.72
CA VAL D 88 18.94 -42.97 -8.55
C VAL D 88 19.97 -42.15 -9.29
N LEU D 89 19.67 -41.88 -10.57
CA LEU D 89 20.42 -40.99 -11.43
C LEU D 89 19.63 -39.69 -11.58
N PRO D 90 19.97 -38.62 -10.86
CA PRO D 90 19.25 -37.35 -11.03
C PRO D 90 19.54 -36.71 -12.37
N GLN D 91 18.67 -35.78 -12.74
CA GLN D 91 18.78 -35.08 -14.00
C GLN D 91 19.49 -33.74 -13.76
N THR D 92 20.64 -33.55 -14.41
CA THR D 92 21.47 -32.39 -14.18
C THR D 92 20.75 -31.10 -14.53
N GLY D 93 20.77 -30.15 -13.61
CA GLY D 93 20.18 -28.84 -13.82
C GLY D 93 19.00 -28.51 -12.94
N PHE D 94 18.42 -29.51 -12.25
CA PHE D 94 17.28 -29.24 -11.36
C PHE D 94 17.70 -28.64 -10.02
N LEU D 95 18.92 -28.90 -9.55
CA LEU D 95 19.38 -28.36 -8.28
C LEU D 95 20.21 -27.10 -8.49
N THR D 96 20.07 -26.15 -7.55
CA THR D 96 20.79 -24.89 -7.66
C THR D 96 22.29 -25.14 -7.81
N GLY D 97 22.92 -24.38 -8.71
CA GLY D 97 24.32 -24.55 -9.01
C GLY D 97 24.63 -25.42 -10.20
N GLU D 98 23.68 -26.30 -10.62
CA GLU D 98 23.83 -27.19 -11.77
C GLU D 98 23.46 -26.46 -13.04
N PRO D 99 24.25 -26.57 -14.12
CA PRO D 99 23.81 -26.03 -15.41
C PRO D 99 22.95 -27.05 -16.15
N LEU D 100 22.37 -26.58 -17.25
CA LEU D 100 21.50 -27.37 -18.11
C LEU D 100 22.30 -27.99 -19.26
N PRO D 101 21.95 -29.19 -19.69
CA PRO D 101 22.62 -29.76 -20.88
C PRO D 101 22.29 -28.93 -22.12
N ALA D 102 23.32 -28.64 -22.91
CA ALA D 102 23.12 -27.92 -24.16
C ALA D 102 22.14 -28.64 -25.08
N GLY D 103 22.12 -29.96 -25.01
CA GLY D 103 21.21 -30.80 -25.77
C GLY D 103 21.17 -32.16 -25.11
N LEU D 104 20.27 -33.00 -25.60
CA LEU D 104 20.01 -34.28 -24.97
C LEU D 104 21.22 -35.19 -25.06
N ASP D 105 21.90 -35.16 -26.20
CA ASP D 105 23.09 -35.99 -26.43
C ASP D 105 24.21 -35.65 -25.47
N VAL D 106 24.44 -34.36 -25.23
CA VAL D 106 25.41 -33.94 -24.22
C VAL D 106 25.08 -34.59 -22.88
N LEU D 107 23.80 -34.54 -22.51
CA LEU D 107 23.38 -35.08 -21.22
C LEU D 107 23.56 -36.60 -21.19
N LEU D 108 23.15 -37.27 -22.25
CA LEU D 108 23.21 -38.73 -22.26
C LEU D 108 24.66 -39.23 -22.22
N ASP D 109 25.56 -38.59 -22.99
CA ASP D 109 26.97 -38.92 -22.89
C ASP D 109 27.47 -38.78 -21.46
N ALA D 110 27.18 -37.62 -20.85
CA ALA D 110 27.57 -37.38 -19.46
C ALA D 110 26.99 -38.43 -18.53
N GLN D 111 25.72 -38.80 -18.74
CA GLN D 111 25.10 -39.80 -17.87
C GLN D 111 25.73 -41.18 -18.11
N ALA D 112 25.88 -41.55 -19.38
CA ALA D 112 26.47 -42.85 -19.70
C ALA D 112 27.83 -43.00 -19.01
N ASP D 113 28.70 -42.00 -19.20
CA ASP D 113 29.94 -41.85 -18.45
C ASP D 113 29.75 -42.16 -16.96
N ALA D 114 28.85 -41.44 -16.30
CA ALA D 114 28.73 -41.57 -14.85
C ALA D 114 28.22 -42.95 -14.47
N VAL D 115 27.24 -43.48 -15.22
CA VAL D 115 26.69 -44.80 -14.89
C VAL D 115 27.76 -45.89 -15.04
N LEU D 116 28.48 -45.87 -16.16
CA LEU D 116 29.51 -46.89 -16.38
C LEU D 116 30.59 -46.79 -15.33
N ALA D 117 30.95 -45.57 -14.91
CA ALA D 117 31.95 -45.41 -13.87
C ALA D 117 31.46 -45.97 -12.55
N HIS D 118 30.27 -45.55 -12.12
CA HIS D 118 29.65 -46.10 -10.92
C HIS D 118 29.63 -47.63 -10.94
N CYS D 119 29.06 -48.21 -12.00
CA CYS D 119 28.82 -49.65 -12.02
C CYS D 119 30.11 -50.48 -12.10
N ALA D 120 31.17 -49.94 -12.72
CA ALA D 120 32.48 -50.59 -12.79
C ALA D 120 32.37 -51.98 -13.44
N GLY D 121 31.86 -51.99 -14.67
CA GLY D 121 31.70 -53.21 -15.41
C GLY D 121 30.68 -54.19 -14.88
N ARG D 122 30.16 -53.98 -13.67
CA ARG D 122 29.13 -54.86 -13.15
C ARG D 122 27.80 -54.61 -13.86
N PRO D 123 27.03 -55.65 -14.17
CA PRO D 123 25.79 -55.43 -14.93
C PRO D 123 24.83 -54.55 -14.16
N PHE D 124 24.03 -53.79 -14.89
CA PHE D 124 23.08 -52.87 -14.30
C PHE D 124 21.79 -52.90 -15.11
N VAL D 125 20.70 -52.54 -14.45
CA VAL D 125 19.40 -52.40 -15.08
C VAL D 125 19.01 -50.93 -15.04
N LEU D 126 18.55 -50.39 -16.16
CA LEU D 126 17.96 -49.06 -16.13
C LEU D 126 16.46 -49.15 -15.88
N VAL D 127 15.98 -48.25 -15.02
CA VAL D 127 14.60 -48.10 -14.60
C VAL D 127 14.21 -46.64 -14.76
N GLY D 128 12.95 -46.40 -15.13
CA GLY D 128 12.38 -45.06 -15.10
C GLY D 128 10.87 -45.09 -15.06
N HIS D 129 10.30 -43.95 -14.66
CA HIS D 129 8.87 -43.77 -14.49
C HIS D 129 8.46 -42.46 -15.14
N SER D 130 7.32 -42.47 -15.83
CA SER D 130 6.79 -41.28 -16.52
C SER D 130 7.91 -40.79 -17.45
N ALA D 131 8.21 -39.47 -17.50
CA ALA D 131 9.28 -38.96 -18.37
C ALA D 131 10.62 -39.57 -18.03
N GLY D 132 10.81 -39.97 -16.77
CA GLY D 132 12.01 -40.70 -16.39
C GLY D 132 12.19 -41.99 -17.16
N ALA D 133 11.09 -42.55 -17.67
CA ALA D 133 11.22 -43.73 -18.52
C ALA D 133 11.74 -43.35 -19.90
N ASN D 134 11.25 -42.25 -20.48
CA ASN D 134 11.84 -41.77 -21.73
C ASN D 134 13.34 -41.55 -21.58
N MET D 135 13.73 -40.81 -20.54
CA MET D 135 15.13 -40.62 -20.22
C MET D 135 15.85 -41.96 -20.03
N ALA D 136 15.24 -42.89 -19.30
CA ALA D 136 15.90 -44.18 -19.09
C ALA D 136 16.04 -44.91 -20.41
N HIS D 137 15.04 -44.79 -21.28
CA HIS D 137 15.09 -45.38 -22.60
C HIS D 137 16.19 -44.74 -23.46
N ALA D 138 16.14 -43.40 -23.60
CA ALA D 138 17.14 -42.71 -24.41
C ALA D 138 18.56 -43.02 -23.94
N LEU D 139 18.76 -43.10 -22.62
CA LEU D 139 20.07 -43.47 -22.08
C LEU D 139 20.44 -44.90 -22.49
N THR D 140 19.45 -45.79 -22.59
CA THR D 140 19.74 -47.14 -23.03
C THR D 140 20.29 -47.14 -24.45
N VAL D 141 19.70 -46.35 -25.35
CA VAL D 141 20.17 -46.36 -26.73
C VAL D 141 21.58 -45.77 -26.81
N ARG D 142 21.85 -44.70 -26.04
CA ARG D 142 23.17 -44.09 -26.07
C ARG D 142 24.23 -45.04 -25.54
N LEU D 143 23.94 -45.73 -24.43
CA LEU D 143 24.90 -46.70 -23.90
C LEU D 143 25.08 -47.87 -24.85
N GLU D 144 23.99 -48.35 -25.44
CA GLU D 144 24.09 -49.42 -26.43
C GLU D 144 24.85 -48.96 -27.67
N ALA D 145 24.63 -47.71 -28.10
CA ALA D 145 25.35 -47.19 -29.24
C ALA D 145 26.84 -47.09 -28.96
N ARG D 146 27.25 -47.17 -27.70
CA ARG D 146 28.65 -47.10 -27.30
C ARG D 146 29.20 -48.46 -26.92
N GLY D 147 28.48 -49.53 -27.22
CA GLY D 147 28.91 -50.87 -26.89
C GLY D 147 28.54 -51.34 -25.51
N ALA D 148 28.29 -50.41 -24.59
CA ALA D 148 27.79 -50.77 -23.27
C ALA D 148 26.44 -51.48 -23.41
N ASP D 149 26.21 -52.46 -22.53
CA ASP D 149 25.00 -53.27 -22.63
C ASP D 149 24.27 -53.31 -21.29
N PRO D 150 23.27 -52.45 -21.10
CA PRO D 150 22.41 -52.58 -19.92
C PRO D 150 21.66 -53.90 -19.94
N ALA D 151 21.72 -54.62 -18.82
CA ALA D 151 21.18 -55.97 -18.77
C ALA D 151 19.67 -56.02 -18.97
N ALA D 152 18.96 -54.90 -18.79
CA ALA D 152 17.51 -54.83 -18.96
C ALA D 152 17.06 -53.39 -18.76
N LEU D 153 15.85 -53.10 -19.24
CA LEU D 153 15.29 -51.77 -19.13
C LEU D 153 13.83 -51.89 -18.70
N VAL D 154 13.43 -51.09 -17.71
CA VAL D 154 12.07 -51.12 -17.16
C VAL D 154 11.44 -49.74 -17.39
N LEU D 155 10.30 -49.72 -18.08
CA LEU D 155 9.55 -48.49 -18.33
C LEU D 155 8.24 -48.56 -17.57
N MET D 156 8.09 -47.68 -16.60
CA MET D 156 6.85 -47.59 -15.85
C MET D 156 6.06 -46.40 -16.37
N ASP D 157 4.91 -46.70 -16.98
CA ASP D 157 3.96 -45.70 -17.45
C ASP D 157 4.62 -44.69 -18.37
N ILE D 158 5.30 -45.21 -19.39
CA ILE D 158 5.86 -44.39 -20.44
C ILE D 158 4.73 -43.83 -21.29
N TYR D 159 4.85 -42.56 -21.65
CA TYR D 159 3.96 -41.95 -22.60
C TYR D 159 4.82 -41.23 -23.65
N THR D 160 4.28 -41.06 -24.84
CA THR D 160 5.09 -40.34 -25.80
C THR D 160 4.89 -38.84 -25.60
N PRO D 161 5.96 -38.06 -25.50
CA PRO D 161 5.81 -36.59 -25.32
C PRO D 161 5.14 -35.86 -26.49
N ALA D 162 4.11 -36.46 -27.09
CA ALA D 162 3.32 -35.84 -28.16
C ALA D 162 2.91 -34.41 -27.81
N GLY D 168 -3.09 -34.32 -25.45
CA GLY D 168 -2.30 -33.35 -24.70
C GLY D 168 -2.79 -33.12 -23.28
N VAL D 169 -4.05 -33.51 -23.01
CA VAL D 169 -4.61 -33.29 -21.68
C VAL D 169 -4.20 -34.34 -20.66
N TRP D 170 -3.55 -35.44 -21.09
CA TRP D 170 -2.99 -36.34 -20.09
C TRP D 170 -1.97 -35.60 -19.25
N ARG D 171 -1.12 -34.78 -19.90
CA ARG D 171 -0.14 -34.01 -19.16
C ARG D 171 -0.78 -32.97 -18.27
N GLU D 172 -1.77 -32.23 -18.77
CA GLU D 172 -2.43 -31.23 -17.95
C GLU D 172 -3.10 -31.87 -16.74
N GLU D 173 -3.73 -33.03 -16.95
CA GLU D 173 -4.27 -33.79 -15.82
C GLU D 173 -3.15 -34.26 -14.90
N MET D 174 -2.12 -34.88 -15.48
CA MET D 174 -1.03 -35.42 -14.67
C MET D 174 -0.30 -34.31 -13.90
N LEU D 175 -0.01 -33.19 -14.56
CA LEU D 175 0.63 -32.09 -13.85
C LEU D 175 -0.29 -31.47 -12.79
N ALA D 176 -1.61 -31.65 -12.93
CA ALA D 176 -2.53 -31.22 -11.89
C ALA D 176 -2.35 -32.03 -10.62
N TRP D 177 -2.55 -33.35 -10.70
CA TRP D 177 -2.55 -34.22 -9.53
C TRP D 177 -1.21 -34.24 -8.79
N VAL D 178 -0.14 -33.67 -9.35
CA VAL D 178 1.11 -33.54 -8.61
C VAL D 178 0.97 -32.48 -7.52
N ALA D 179 0.18 -31.44 -7.76
CA ALA D 179 0.06 -30.32 -6.84
C ALA D 179 -0.49 -30.73 -5.47
N VAL D 184 5.00 -29.19 -1.27
CA VAL D 184 6.19 -29.63 -2.01
C VAL D 184 6.97 -28.45 -2.61
N PRO D 185 8.21 -28.25 -2.15
CA PRO D 185 8.95 -27.03 -2.49
C PRO D 185 9.44 -27.04 -3.94
N VAL D 186 9.23 -25.92 -4.63
CA VAL D 186 9.81 -25.73 -5.95
C VAL D 186 10.47 -24.36 -6.02
N ASP D 187 11.33 -24.21 -7.01
CA ASP D 187 12.05 -22.96 -7.18
C ASP D 187 12.30 -22.74 -8.67
N ASP D 188 12.88 -21.58 -8.96
CA ASP D 188 13.23 -21.23 -10.34
C ASP D 188 14.11 -22.27 -10.99
N THR D 189 15.12 -22.76 -10.30
CA THR D 189 16.01 -23.73 -10.95
C THR D 189 15.23 -24.98 -11.37
N ARG D 190 14.48 -25.57 -10.44
CA ARG D 190 13.67 -26.74 -10.77
C ARG D 190 12.63 -26.42 -11.84
N LEU D 191 11.94 -25.30 -11.70
CA LEU D 191 10.94 -24.96 -12.71
C LEU D 191 11.59 -24.78 -14.07
N THR D 192 12.68 -24.00 -14.14
CA THR D 192 13.26 -23.74 -15.44
C THR D 192 13.83 -25.02 -16.00
N ALA D 193 14.37 -25.88 -15.13
CA ALA D 193 14.81 -27.20 -15.59
C ALA D 193 13.65 -27.96 -16.20
N MET D 194 12.48 -27.89 -15.56
CA MET D 194 11.31 -28.58 -16.08
C MET D 194 10.97 -28.08 -17.48
N GLY D 195 10.95 -26.77 -17.66
CA GLY D 195 10.75 -26.24 -19.01
C GLY D 195 11.81 -26.72 -19.99
N ALA D 196 13.08 -26.69 -19.58
CA ALA D 196 14.15 -27.07 -20.50
C ALA D 196 14.04 -28.55 -20.89
N TYR D 197 13.98 -29.46 -19.89
CA TYR D 197 13.89 -30.89 -20.20
C TYR D 197 12.63 -31.23 -21.00
N HIS D 198 11.54 -30.49 -20.80
CA HIS D 198 10.38 -30.71 -21.65
C HIS D 198 10.73 -30.47 -23.11
N ARG D 199 11.42 -29.36 -23.37
CA ARG D 199 11.87 -29.06 -24.72
C ARG D 199 12.84 -30.12 -25.22
N LEU D 200 13.71 -30.60 -24.34
CA LEU D 200 14.66 -31.66 -24.68
C LEU D 200 13.98 -32.90 -25.23
N LEU D 201 12.89 -33.33 -24.60
CA LEU D 201 12.22 -34.57 -24.96
C LEU D 201 11.11 -34.35 -25.98
N LEU D 202 11.01 -33.16 -26.55
CA LEU D 202 10.01 -32.89 -27.59
C LEU D 202 10.09 -33.91 -28.71
N ASP D 203 11.29 -34.28 -29.15
CA ASP D 203 11.45 -35.17 -30.29
C ASP D 203 11.96 -36.53 -29.86
N TRP D 204 11.45 -37.01 -28.73
CA TRP D 204 11.78 -38.35 -28.26
C TRP D 204 10.93 -39.37 -29.00
N ALA D 205 11.55 -40.48 -29.40
CA ALA D 205 10.84 -41.51 -30.13
C ALA D 205 11.46 -42.86 -29.83
N PRO D 206 10.67 -43.93 -29.86
CA PRO D 206 11.12 -45.28 -29.40
C PRO D 206 12.02 -46.02 -30.37
N ARG D 207 13.28 -45.57 -30.48
CA ARG D 207 14.29 -46.31 -31.23
C ARG D 207 14.54 -47.68 -30.57
N PRO D 208 14.91 -48.70 -31.35
CA PRO D 208 15.02 -50.05 -30.80
C PRO D 208 16.15 -50.21 -29.80
N THR D 209 16.00 -51.21 -28.93
CA THR D 209 16.99 -51.53 -27.91
C THR D 209 17.33 -53.01 -27.94
N ARG D 210 18.62 -53.33 -27.79
CA ARG D 210 19.02 -54.72 -27.57
C ARG D 210 18.45 -55.24 -26.25
N ALA D 211 18.61 -54.46 -25.18
CA ALA D 211 18.22 -54.89 -23.85
C ALA D 211 16.76 -55.28 -23.82
N PRO D 212 16.40 -56.29 -23.04
CA PRO D 212 14.99 -56.62 -22.85
C PRO D 212 14.29 -55.51 -22.09
N VAL D 213 13.00 -55.32 -22.39
CA VAL D 213 12.21 -54.22 -21.82
C VAL D 213 11.01 -54.78 -21.07
N LEU D 214 10.95 -54.51 -19.77
CA LEU D 214 9.76 -54.73 -18.98
C LEU D 214 8.91 -53.45 -19.00
N HIS D 215 7.64 -53.59 -19.38
CA HIS D 215 6.73 -52.46 -19.44
C HIS D 215 5.61 -52.64 -18.44
N LEU D 216 5.63 -51.86 -17.36
CA LEU D 216 4.52 -51.81 -16.42
C LEU D 216 3.62 -50.62 -16.75
N TYR D 217 2.31 -50.83 -16.67
CA TYR D 217 1.36 -49.75 -16.92
C TYR D 217 0.28 -49.77 -15.85
N ALA D 218 -0.22 -48.57 -15.53
CA ALA D 218 -1.07 -48.38 -14.37
C ALA D 218 -2.45 -48.97 -14.61
N GLY D 219 -3.04 -49.55 -13.56
CA GLY D 219 -4.38 -50.13 -13.60
C GLY D 219 -5.53 -49.13 -13.64
N GLU D 220 -5.46 -48.04 -12.87
CA GLU D 220 -6.55 -47.08 -12.79
C GLU D 220 -6.16 -45.74 -13.41
N PRO D 221 -7.10 -45.06 -14.08
CA PRO D 221 -6.77 -43.80 -14.74
C PRO D 221 -6.49 -42.71 -13.72
N ALA D 222 -5.78 -41.68 -14.17
CA ALA D 222 -5.36 -40.60 -13.30
C ALA D 222 -6.45 -39.55 -13.15
N GLY D 223 -7.19 -39.28 -14.22
CA GLY D 223 -8.25 -38.29 -14.20
C GLY D 223 -9.30 -38.72 -15.21
N ALA D 224 -10.28 -37.86 -15.49
CA ALA D 224 -11.33 -38.24 -16.42
C ALA D 224 -10.84 -38.13 -17.86
N TRP D 225 -10.99 -39.21 -18.62
CA TRP D 225 -10.86 -39.15 -20.07
C TRP D 225 -12.23 -39.43 -20.66
N PRO D 226 -12.88 -38.44 -21.28
CA PRO D 226 -14.24 -38.65 -21.79
C PRO D 226 -14.34 -39.66 -22.92
N ASP D 227 -13.23 -39.98 -23.60
CA ASP D 227 -13.22 -40.98 -24.67
C ASP D 227 -12.99 -42.37 -24.10
N PRO D 228 -14.04 -43.19 -23.94
CA PRO D 228 -13.84 -44.55 -23.44
C PRO D 228 -13.54 -45.58 -24.52
N ARG D 229 -13.31 -45.14 -25.75
CA ARG D 229 -13.06 -46.03 -26.87
C ARG D 229 -11.61 -46.46 -26.88
N ASP D 231 -7.63 -45.55 -25.74
CA ASP D 231 -7.62 -45.53 -24.29
C ASP D 231 -6.65 -44.50 -23.73
N TRP D 232 -6.60 -44.43 -22.41
CA TRP D 232 -5.62 -43.61 -21.71
C TRP D 232 -4.35 -44.37 -21.38
N ARG D 233 -4.33 -45.68 -21.63
CA ARG D 233 -3.28 -46.54 -21.10
C ARG D 233 -1.92 -46.19 -21.67
N SER D 234 -0.89 -46.52 -20.88
CA SER D 234 0.49 -46.49 -21.32
C SER D 234 0.80 -47.78 -22.10
N ARG D 235 1.15 -47.64 -23.37
CA ARG D 235 1.57 -48.77 -24.21
C ARG D 235 3.02 -48.59 -24.62
N PHE D 236 3.72 -49.70 -24.77
CA PHE D 236 5.06 -49.67 -25.33
C PHE D 236 5.26 -50.85 -26.28
N ASP D 237 5.63 -50.56 -27.53
CA ASP D 237 5.95 -51.57 -28.53
C ASP D 237 7.43 -51.89 -28.48
N GLY D 238 7.75 -53.19 -28.47
CA GLY D 238 9.08 -53.68 -28.19
C GLY D 238 9.16 -54.44 -26.88
N ALA D 239 8.14 -54.36 -26.04
CA ALA D 239 8.20 -54.87 -24.67
C ALA D 239 8.28 -56.38 -24.69
N HIS D 240 9.44 -56.90 -24.27
CA HIS D 240 9.56 -58.31 -23.90
C HIS D 240 8.35 -58.79 -23.10
N THR D 241 8.02 -58.08 -22.03
CA THR D 241 6.84 -58.36 -21.21
C THR D 241 6.14 -57.04 -20.90
N SER D 242 4.81 -57.07 -20.89
CA SER D 242 4.00 -55.89 -20.60
C SER D 242 2.92 -56.28 -19.61
N ALA D 243 3.05 -55.80 -18.37
CA ALA D 243 2.18 -56.16 -17.28
C ALA D 243 1.48 -54.93 -16.72
N GLU D 244 0.24 -55.11 -16.30
CA GLU D 244 -0.54 -54.09 -15.65
C GLU D 244 -0.32 -54.17 -14.14
N VAL D 245 -0.10 -53.04 -13.50
CA VAL D 245 0.04 -53.06 -12.05
C VAL D 245 -1.08 -52.23 -11.45
N PRO D 246 -1.49 -52.50 -10.20
CA PRO D 246 -2.49 -51.65 -9.54
C PRO D 246 -2.00 -50.23 -9.34
N GLY D 247 -2.97 -49.35 -9.11
CA GLY D 247 -2.70 -47.95 -8.87
C GLY D 247 -2.86 -47.14 -10.15
N THR D 248 -2.74 -45.83 -9.96
CA THR D 248 -2.70 -44.85 -11.03
C THR D 248 -1.26 -44.50 -11.39
N HIS D 249 -1.13 -43.67 -12.43
CA HIS D 249 0.15 -43.09 -12.84
C HIS D 249 1.04 -42.80 -11.64
N PHE D 250 0.48 -42.14 -10.64
CA PHE D 250 1.27 -41.76 -9.47
C PHE D 250 1.30 -42.84 -8.38
N SER D 251 0.16 -43.45 -8.03
CA SER D 251 0.18 -44.34 -6.87
C SER D 251 0.75 -45.73 -7.17
N MET D 252 0.93 -46.11 -8.44
CA MET D 252 1.73 -47.31 -8.70
C MET D 252 3.13 -47.19 -8.10
N MET D 253 3.66 -45.96 -7.94
CA MET D 253 4.97 -45.78 -7.32
C MET D 253 4.94 -45.43 -5.84
N THR D 254 3.76 -45.29 -5.24
CA THR D 254 3.73 -44.98 -3.82
C THR D 254 3.02 -46.07 -3.00
N GLU D 255 1.71 -45.94 -2.83
CA GLU D 255 1.03 -46.91 -1.98
C GLU D 255 1.05 -48.31 -2.58
N HIS D 256 1.01 -48.44 -3.91
CA HIS D 256 1.11 -49.72 -4.57
C HIS D 256 2.53 -50.10 -5.00
N ALA D 257 3.55 -49.33 -4.59
CA ALA D 257 4.93 -49.66 -4.92
C ALA D 257 5.35 -51.09 -4.64
N PRO D 258 4.91 -51.76 -3.55
CA PRO D 258 5.41 -53.14 -3.33
C PRO D 258 5.03 -54.10 -4.44
N VAL D 259 3.84 -53.93 -5.02
CA VAL D 259 3.42 -54.79 -6.13
C VAL D 259 4.24 -54.48 -7.37
N THR D 260 4.43 -53.18 -7.66
CA THR D 260 5.38 -52.80 -8.70
C THR D 260 6.74 -53.43 -8.47
N ALA D 261 7.28 -53.24 -7.26
CA ALA D 261 8.58 -53.83 -6.91
C ALA D 261 8.58 -55.33 -7.18
N ALA D 262 7.59 -56.06 -6.64
CA ALA D 262 7.59 -57.52 -6.77
C ALA D 262 7.51 -57.94 -8.24
N THR D 263 6.70 -57.22 -9.04
CA THR D 263 6.61 -57.55 -10.46
C THR D 263 7.96 -57.39 -11.13
N VAL D 264 8.66 -56.28 -10.83
CA VAL D 264 9.99 -56.07 -11.39
C VAL D 264 10.93 -57.18 -10.92
N HIS D 265 10.94 -57.43 -9.62
CA HIS D 265 11.85 -58.41 -9.04
C HIS D 265 11.65 -59.78 -9.67
N LYS D 266 10.39 -60.19 -9.79
CA LYS D 266 10.09 -61.48 -10.41
C LYS D 266 10.51 -61.50 -11.88
N TRP D 267 10.17 -60.45 -12.63
CA TRP D 267 10.51 -60.46 -14.06
C TRP D 267 12.01 -60.50 -14.29
N LEU D 268 12.82 -59.95 -13.38
CA LEU D 268 14.26 -59.96 -13.62
C LEU D 268 14.87 -61.36 -13.50
N ASP D 269 14.18 -62.29 -12.82
CA ASP D 269 14.71 -63.64 -12.67
C ASP D 269 14.50 -64.50 -13.90
N GLU D 270 13.65 -64.08 -14.83
CA GLU D 270 13.17 -64.91 -15.92
C GLU D 270 13.69 -64.46 -17.27
N VAL D 271 14.50 -63.42 -17.31
CA VAL D 271 14.94 -62.85 -18.57
C VAL D 271 16.47 -62.77 -18.61
#